data_8FG0
#
_entry.id   8FG0
#
_cell.length_a   92.236
_cell.length_b   66.701
_cell.length_c   95.540
_cell.angle_alpha   90.000
_cell.angle_beta   113.405
_cell.angle_gamma   90.000
#
_symmetry.space_group_name_H-M   'P 1 21 1'
#
loop_
_entity.id
_entity.type
_entity.pdbx_description
1 polymer '3764 Fab Heavy chain'
2 polymer '3764 Fab Light chain'
3 polymer 'Circumsporozoite protein'
4 water water
#
loop_
_entity_poly.entity_id
_entity_poly.type
_entity_poly.pdbx_seq_one_letter_code
_entity_poly.pdbx_strand_id
1 'polypeptide(L)'
;QVQLVESGGGVVQPGRSLRLSCAASGFTFSSYGMHWVRQAPGKGLEWVAVIWYDGSYKSYIESVKGRFTISRDNSKNTLY
LQMNSLRVEDTAVYYCALGYSSGQGTLDNWGQGTLVTVSSASTKGPSVFPLAPSSKSTSGGTAALGCLVKDYFPEPVTVS
WNSGALTSGVHTFPAVLQSSGLYSLSSVVTVPSSSLGTQTYICNVNHKPSNTKVDKKVEPKSC
;
C,A
2 'polypeptide(L)'
;DVVMTQSPLSLAVTLGQPASISCRSTQSLVYSDGNTYLNWFQQRPGQSPRRLIYKVSNRDSGVPDRFSGSESGTDFTLKI
SRVEAEDVGLYYCMQGTHWPWTFGQGTKVEIKRTVAAPSVFIFPPSDEQLKSGTASVVCLLNNFYPREAKVQWKVDNALQ
SGNSQESVTEQDSKDSTYSLSSTLTLSKADYEKHKVYACEVTHQGLSSPVTKSFNRGEC
;
D,B
3 'polypeptide(L)' QGHNMPNDPNRNVD P,Q
#
# COMPACT_ATOMS: atom_id res chain seq x y z
N GLN A 1 -32.94 -20.41 -28.99
CA GLN A 1 -31.96 -20.23 -30.06
C GLN A 1 -30.74 -21.16 -29.93
N VAL A 2 -29.72 -20.96 -30.75
CA VAL A 2 -28.45 -21.67 -30.51
C VAL A 2 -27.81 -21.09 -29.27
N GLN A 3 -27.44 -21.97 -28.33
CA GLN A 3 -26.94 -21.54 -27.03
C GLN A 3 -25.81 -22.46 -26.59
N LEU A 4 -24.65 -21.85 -26.30
CA LEU A 4 -23.51 -22.53 -25.73
C LEU A 4 -23.18 -21.87 -24.41
N VAL A 5 -22.92 -22.67 -23.38
CA VAL A 5 -22.58 -22.14 -22.06
C VAL A 5 -21.37 -22.90 -21.56
N GLU A 6 -20.23 -22.21 -21.47
CA GLU A 6 -19.01 -22.79 -20.93
C GLU A 6 -19.07 -22.81 -19.40
N SER A 7 -18.44 -23.84 -18.82
CA SER A 7 -18.20 -23.83 -17.38
C SER A 7 -16.87 -24.50 -17.10
N GLY A 8 -16.43 -24.36 -15.85
CA GLY A 8 -15.28 -25.08 -15.33
C GLY A 8 -14.08 -24.22 -15.01
N GLY A 9 -14.11 -22.92 -15.37
CA GLY A 9 -12.95 -22.08 -15.15
C GLY A 9 -12.83 -21.60 -13.71
N GLY A 10 -11.59 -21.38 -13.30
CA GLY A 10 -11.32 -20.95 -11.95
C GLY A 10 -9.84 -20.74 -11.76
N VAL A 11 -9.43 -20.78 -10.50
CA VAL A 11 -8.03 -20.72 -10.14
C VAL A 11 -7.46 -22.14 -10.15
N VAL A 12 -6.31 -22.32 -10.79
CA VAL A 12 -5.65 -23.61 -10.88
C VAL A 12 -4.15 -23.38 -10.77
N GLN A 13 -3.49 -24.18 -9.94
CA GLN A 13 -2.06 -24.00 -9.76
C GLN A 13 -1.31 -24.44 -11.02
N PRO A 14 -0.21 -23.77 -11.36
CA PRO A 14 0.58 -24.19 -12.52
C PRO A 14 1.01 -25.64 -12.38
N GLY A 15 0.81 -26.41 -13.44
CA GLY A 15 1.13 -27.82 -13.44
C GLY A 15 -0.02 -28.73 -13.10
N ARG A 16 -1.11 -28.19 -12.55
CA ARG A 16 -2.28 -28.99 -12.22
C ARG A 16 -3.20 -29.04 -13.44
N SER A 17 -4.37 -29.63 -13.28
CA SER A 17 -5.26 -29.88 -14.41
C SER A 17 -6.58 -29.16 -14.19
N LEU A 18 -7.38 -29.16 -15.26
CA LEU A 18 -8.69 -28.53 -15.23
C LEU A 18 -9.47 -29.02 -16.44
N ARG A 19 -10.71 -29.44 -16.21
CA ARG A 19 -11.62 -29.82 -17.29
C ARG A 19 -12.65 -28.73 -17.49
N LEU A 20 -12.63 -28.14 -18.68
CA LEU A 20 -13.66 -27.21 -19.11
C LEU A 20 -14.77 -27.96 -19.83
N SER A 21 -16.01 -27.54 -19.60
CA SER A 21 -17.16 -28.07 -20.31
C SER A 21 -17.88 -26.93 -20.98
N CYS A 22 -18.58 -27.26 -22.06
CA CYS A 22 -19.43 -26.31 -22.76
C CYS A 22 -20.75 -27.01 -23.06
N ALA A 23 -21.85 -26.43 -22.61
CA ALA A 23 -23.16 -27.04 -22.72
C ALA A 23 -23.91 -26.41 -23.89
N ALA A 24 -24.36 -27.24 -24.83
CA ALA A 24 -25.01 -26.79 -26.05
C ALA A 24 -26.49 -27.14 -26.02
N SER A 25 -27.30 -26.28 -26.65
CA SER A 25 -28.72 -26.57 -26.77
C SER A 25 -29.35 -25.68 -27.83
N GLY A 26 -30.56 -26.09 -28.26
CA GLY A 26 -31.30 -25.37 -29.27
C GLY A 26 -31.11 -25.84 -30.69
N PHE A 27 -30.11 -26.68 -30.95
CA PHE A 27 -29.80 -27.18 -32.28
C PHE A 27 -29.36 -28.64 -32.17
N THR A 28 -29.34 -29.32 -33.32
CA THR A 28 -28.86 -30.69 -33.38
C THR A 28 -27.34 -30.74 -33.21
N PHE A 29 -26.90 -30.92 -31.95
CA PHE A 29 -25.50 -30.72 -31.58
C PHE A 29 -24.56 -31.70 -32.27
N SER A 30 -25.02 -32.92 -32.55
CA SER A 30 -24.17 -33.96 -33.12
C SER A 30 -23.92 -33.81 -34.63
N SER A 31 -24.43 -32.75 -35.26
CA SER A 31 -24.15 -32.48 -36.68
C SER A 31 -23.12 -31.37 -36.89
N TYR A 32 -22.59 -30.77 -35.82
CA TYR A 32 -21.71 -29.61 -35.94
C TYR A 32 -20.37 -29.88 -35.26
N GLY A 33 -19.30 -29.54 -35.96
CA GLY A 33 -18.00 -29.50 -35.33
C GLY A 33 -17.90 -28.39 -34.31
N MET A 34 -17.01 -28.56 -33.33
CA MET A 34 -16.92 -27.66 -32.19
C MET A 34 -15.48 -27.19 -32.01
N HIS A 35 -15.33 -25.91 -31.65
CA HIS A 35 -14.02 -25.29 -31.53
C HIS A 35 -13.84 -24.68 -30.15
N TRP A 36 -12.57 -24.56 -29.74
CA TRP A 36 -12.17 -23.83 -28.55
C TRP A 36 -11.27 -22.67 -28.98
N VAL A 37 -11.61 -21.47 -28.52
CA VAL A 37 -10.87 -20.25 -28.80
C VAL A 37 -10.66 -19.55 -27.47
N ARG A 38 -9.42 -19.14 -27.19
CA ARG A 38 -9.16 -18.46 -25.93
C ARG A 38 -8.68 -17.04 -26.16
N GLN A 39 -8.69 -16.26 -25.09
CA GLN A 39 -8.30 -14.86 -25.16
C GLN A 39 -7.67 -14.48 -23.82
N ALA A 40 -6.34 -14.38 -23.79
CA ALA A 40 -5.67 -13.88 -22.59
C ALA A 40 -6.24 -12.50 -22.25
N PRO A 41 -6.29 -12.14 -20.97
CA PRO A 41 -6.87 -10.84 -20.59
C PRO A 41 -6.16 -9.69 -21.26
N GLY A 42 -6.93 -8.90 -22.02
CA GLY A 42 -6.40 -7.74 -22.72
C GLY A 42 -5.59 -8.07 -23.96
N LYS A 43 -5.53 -9.32 -24.37
CA LYS A 43 -4.80 -9.75 -25.55
C LYS A 43 -5.81 -10.18 -26.63
N GLY A 44 -5.33 -10.86 -27.68
CA GLY A 44 -6.15 -11.15 -28.84
C GLY A 44 -6.76 -12.55 -28.83
N LEU A 45 -7.73 -12.76 -29.72
CA LEU A 45 -8.30 -14.10 -29.85
C LEU A 45 -7.26 -15.07 -30.43
N GLU A 46 -7.34 -16.32 -29.97
CA GLU A 46 -6.44 -17.35 -30.46
C GLU A 46 -7.23 -18.64 -30.55
N TRP A 47 -7.34 -19.19 -31.75
CA TRP A 47 -7.95 -20.49 -31.96
C TRP A 47 -7.08 -21.58 -31.35
N VAL A 48 -7.69 -22.56 -30.70
CA VAL A 48 -6.98 -23.56 -29.92
C VAL A 48 -7.11 -24.96 -30.51
N ALA A 49 -8.35 -25.40 -30.78
CA ALA A 49 -8.62 -26.79 -31.15
C ALA A 49 -9.99 -26.92 -31.81
N VAL A 50 -10.16 -28.00 -32.58
CA VAL A 50 -11.47 -28.35 -33.15
C VAL A 50 -11.68 -29.86 -33.02
N ILE A 51 -12.94 -30.27 -32.94
CA ILE A 51 -13.31 -31.68 -33.01
C ILE A 51 -14.46 -31.86 -33.98
N TRP A 52 -14.41 -32.92 -34.79
CA TRP A 52 -15.42 -33.19 -35.80
C TRP A 52 -16.77 -33.46 -35.15
N TYR A 53 -17.82 -33.43 -36.00
CA TYR A 53 -19.17 -33.57 -35.49
C TYR A 53 -19.37 -34.92 -34.84
N ASP A 54 -18.73 -35.97 -35.37
CA ASP A 54 -18.81 -37.33 -34.82
C ASP A 54 -17.65 -37.66 -33.91
N GLY A 55 -16.69 -36.74 -33.74
CA GLY A 55 -15.56 -36.96 -32.86
C GLY A 55 -14.35 -37.61 -33.51
N SER A 56 -14.42 -37.94 -34.80
CA SER A 56 -13.33 -38.59 -35.50
C SER A 56 -12.07 -37.72 -35.51
N TYR A 57 -12.06 -36.68 -36.33
CA TYR A 57 -10.86 -35.86 -36.46
C TYR A 57 -10.77 -34.80 -35.36
N LYS A 58 -9.55 -34.54 -34.91
CA LYS A 58 -9.26 -33.49 -33.94
C LYS A 58 -8.00 -32.76 -34.41
N SER A 59 -7.83 -31.53 -33.92
CA SER A 59 -6.70 -30.71 -34.36
C SER A 59 -6.41 -29.66 -33.31
N TYR A 60 -5.13 -29.40 -33.07
CA TYR A 60 -4.71 -28.56 -31.96
C TYR A 60 -3.63 -27.59 -32.42
N ILE A 61 -3.55 -26.47 -31.72
CA ILE A 61 -2.37 -25.63 -31.81
C ILE A 61 -1.17 -26.39 -31.24
N GLU A 62 0.01 -26.16 -31.82
CA GLU A 62 1.21 -26.82 -31.33
C GLU A 62 1.49 -26.48 -29.86
N SER A 63 1.18 -25.27 -29.42
CA SER A 63 1.54 -24.88 -28.06
C SER A 63 0.78 -25.66 -26.99
N VAL A 64 -0.29 -26.35 -27.36
CA VAL A 64 -1.08 -27.14 -26.40
C VAL A 64 -1.06 -28.62 -26.70
N LYS A 65 -0.47 -29.05 -27.82
CA LYS A 65 -0.46 -30.46 -28.16
C LYS A 65 0.31 -31.25 -27.12
N GLY A 66 -0.25 -32.36 -26.66
CA GLY A 66 0.30 -33.17 -25.60
C GLY A 66 -0.28 -32.87 -24.24
N ARG A 67 -0.73 -31.64 -24.00
CA ARG A 67 -1.32 -31.20 -22.74
C ARG A 67 -2.85 -31.12 -22.77
N PHE A 68 -3.42 -30.61 -23.87
CA PHE A 68 -4.87 -30.44 -23.97
C PHE A 68 -5.45 -31.56 -24.81
N THR A 69 -6.63 -32.02 -24.42
CA THR A 69 -7.41 -32.96 -25.21
C THR A 69 -8.82 -32.39 -25.37
N ILE A 70 -9.28 -32.26 -26.61
CA ILE A 70 -10.66 -31.91 -26.90
C ILE A 70 -11.45 -33.21 -27.06
N SER A 71 -12.66 -33.23 -26.51
CA SER A 71 -13.55 -34.37 -26.67
C SER A 71 -14.98 -33.87 -26.54
N ARG A 72 -15.93 -34.77 -26.76
CA ARG A 72 -17.33 -34.40 -26.73
C ARG A 72 -18.14 -35.66 -26.43
N ASP A 73 -19.32 -35.45 -25.87
CA ASP A 73 -20.31 -36.51 -25.68
C ASP A 73 -21.57 -36.08 -26.41
N ASN A 74 -21.83 -36.68 -27.57
CA ASN A 74 -23.01 -36.30 -28.32
C ASN A 74 -24.30 -36.69 -27.59
N SER A 75 -24.28 -37.76 -26.80
CA SER A 75 -25.48 -38.13 -26.06
C SER A 75 -25.80 -37.14 -24.94
N LYS A 76 -24.87 -36.24 -24.59
CA LYS A 76 -25.10 -35.25 -23.55
C LYS A 76 -25.09 -33.81 -24.08
N ASN A 77 -24.91 -33.60 -25.38
CA ASN A 77 -24.82 -32.27 -25.96
C ASN A 77 -23.76 -31.44 -25.25
N THR A 78 -22.58 -32.03 -25.05
CA THR A 78 -21.56 -31.37 -24.23
C THR A 78 -20.19 -31.45 -24.89
N LEU A 79 -19.49 -30.31 -24.88
CA LEU A 79 -18.10 -30.21 -25.34
C LEU A 79 -17.18 -30.19 -24.13
N TYR A 80 -15.98 -30.73 -24.31
CA TYR A 80 -15.01 -30.79 -23.23
C TYR A 80 -13.64 -30.35 -23.72
N LEU A 81 -12.90 -29.70 -22.84
CA LEU A 81 -11.46 -29.45 -23.02
C LEU A 81 -10.76 -29.87 -21.73
N GLN A 82 -9.94 -30.90 -21.83
CA GLN A 82 -9.16 -31.40 -20.71
C GLN A 82 -7.77 -30.78 -20.80
N MET A 83 -7.41 -29.99 -19.79
CA MET A 83 -6.18 -29.21 -19.78
C MET A 83 -5.27 -29.78 -18.70
N ASN A 84 -4.11 -30.29 -19.10
CA ASN A 84 -3.11 -30.77 -18.17
C ASN A 84 -1.87 -29.88 -18.28
N SER A 85 -0.99 -30.03 -17.29
CA SER A 85 0.29 -29.30 -17.24
C SER A 85 0.08 -27.82 -17.56
N LEU A 86 -0.91 -27.21 -16.91
CA LEU A 86 -1.25 -25.83 -17.19
C LEU A 86 -0.08 -24.90 -16.89
N ARG A 87 0.18 -23.98 -17.80
CA ARG A 87 1.17 -22.93 -17.62
C ARG A 87 0.49 -21.59 -17.37
N VAL A 88 1.27 -20.62 -16.89
CA VAL A 88 0.74 -19.28 -16.65
C VAL A 88 0.26 -18.67 -17.96
N GLU A 89 0.93 -18.98 -19.07
CA GLU A 89 0.52 -18.49 -20.37
C GLU A 89 -0.83 -19.03 -20.83
N ASP A 90 -1.34 -20.08 -20.17
CA ASP A 90 -2.66 -20.59 -20.52
C ASP A 90 -3.79 -19.78 -19.91
N THR A 91 -3.46 -18.80 -19.07
CA THR A 91 -4.46 -17.93 -18.47
C THR A 91 -5.24 -17.18 -19.54
N ALA A 92 -6.57 -17.31 -19.52
CA ALA A 92 -7.39 -16.75 -20.58
C ALA A 92 -8.87 -17.00 -20.29
N VAL A 93 -9.72 -16.34 -21.08
CA VAL A 93 -11.12 -16.70 -21.23
C VAL A 93 -11.23 -17.71 -22.37
N TYR A 94 -11.84 -18.86 -22.09
CA TYR A 94 -12.01 -19.91 -23.09
C TYR A 94 -13.45 -19.89 -23.60
N TYR A 95 -13.62 -19.74 -24.91
CA TYR A 95 -14.92 -19.79 -25.56
C TYR A 95 -15.06 -21.10 -26.31
N CYS A 96 -16.28 -21.66 -26.33
CA CYS A 96 -16.60 -22.66 -27.33
C CYS A 96 -17.35 -21.96 -28.46
N ALA A 97 -17.15 -22.46 -29.68
CA ALA A 97 -17.68 -21.80 -30.87
C ALA A 97 -17.94 -22.82 -31.97
N LEU A 98 -18.91 -22.48 -32.83
CA LEU A 98 -19.28 -23.34 -33.95
C LEU A 98 -19.67 -22.47 -35.14
N GLY A 99 -19.76 -23.11 -36.31
CA GLY A 99 -20.34 -22.50 -37.49
C GLY A 99 -21.68 -23.11 -37.85
N TYR A 100 -22.78 -22.39 -37.61
CA TYR A 100 -24.11 -22.98 -37.71
C TYR A 100 -24.59 -23.04 -39.16
N SER A 101 -24.97 -21.88 -39.72
CA SER A 101 -25.49 -21.83 -41.09
C SER A 101 -24.54 -22.53 -42.04
N SER A 102 -23.24 -22.27 -41.90
CA SER A 102 -22.19 -23.06 -42.51
C SER A 102 -21.04 -23.15 -41.53
N GLY A 103 -20.39 -24.32 -41.50
CA GLY A 103 -19.22 -24.50 -40.65
C GLY A 103 -17.91 -24.42 -41.40
N GLN A 104 -17.99 -24.26 -42.70
CA GLN A 104 -16.79 -24.32 -43.54
C GLN A 104 -16.02 -23.01 -43.42
N GLY A 105 -14.83 -23.07 -42.79
CA GLY A 105 -13.94 -21.93 -42.75
C GLY A 105 -14.44 -20.70 -42.04
N THR A 106 -15.35 -20.85 -41.08
CA THR A 106 -15.96 -19.70 -40.41
C THR A 106 -16.45 -20.13 -39.03
N LEU A 107 -16.81 -19.12 -38.23
CA LEU A 107 -17.43 -19.28 -36.93
C LEU A 107 -18.50 -18.21 -36.76
N ASP A 108 -19.68 -18.61 -36.27
CA ASP A 108 -20.77 -17.65 -36.17
C ASP A 108 -21.59 -17.78 -34.88
N ASN A 109 -21.19 -18.60 -33.91
CA ASN A 109 -21.91 -18.74 -32.66
C ASN A 109 -20.93 -19.04 -31.55
N TRP A 110 -20.98 -18.23 -30.49
CA TRP A 110 -20.01 -18.32 -29.40
C TRP A 110 -20.73 -18.39 -28.06
N GLY A 111 -20.07 -19.03 -27.10
CA GLY A 111 -20.49 -18.96 -25.72
C GLY A 111 -20.11 -17.62 -25.11
N GLN A 112 -20.43 -17.47 -23.83
CA GLN A 112 -20.02 -16.26 -23.12
C GLN A 112 -18.62 -16.35 -22.57
N GLY A 113 -18.03 -17.54 -22.53
CA GLY A 113 -16.67 -17.78 -22.07
C GLY A 113 -16.56 -18.09 -20.58
N THR A 114 -15.53 -18.85 -20.23
CA THR A 114 -15.19 -19.07 -18.83
C THR A 114 -13.72 -18.72 -18.62
N LEU A 115 -13.44 -18.06 -17.49
CA LEU A 115 -12.12 -17.53 -17.20
C LEU A 115 -11.29 -18.58 -16.45
N VAL A 116 -10.12 -18.91 -17.00
CA VAL A 116 -9.17 -19.82 -16.36
C VAL A 116 -7.97 -19.00 -15.91
N THR A 117 -7.72 -18.96 -14.59
CA THR A 117 -6.60 -18.24 -13.99
C THR A 117 -5.56 -19.24 -13.48
N VAL A 118 -4.39 -19.26 -14.11
CA VAL A 118 -3.32 -20.17 -13.73
C VAL A 118 -2.40 -19.39 -12.80
N SER A 119 -2.56 -19.60 -11.49
CA SER A 119 -1.89 -18.80 -10.47
C SER A 119 -1.78 -19.62 -9.20
N SER A 120 -0.66 -19.46 -8.49
CA SER A 120 -0.49 -20.09 -7.18
C SER A 120 -1.19 -19.32 -6.05
N ALA A 121 -1.75 -18.15 -6.35
CA ALA A 121 -2.31 -17.29 -5.32
C ALA A 121 -3.66 -17.81 -4.84
N SER A 122 -4.02 -17.37 -3.63
CA SER A 122 -5.25 -17.75 -2.96
C SER A 122 -6.43 -16.87 -3.39
N THR A 123 -7.60 -17.49 -3.51
CA THR A 123 -8.84 -16.75 -3.68
C THR A 123 -9.15 -15.90 -2.46
N LYS A 124 -9.41 -14.60 -2.66
CA LYS A 124 -9.72 -13.71 -1.56
C LYS A 124 -10.82 -12.76 -1.99
N GLY A 125 -11.86 -12.64 -1.15
CA GLY A 125 -12.95 -11.74 -1.41
C GLY A 125 -12.62 -10.30 -1.08
N PRO A 126 -13.38 -9.38 -1.66
CA PRO A 126 -13.06 -7.96 -1.53
C PRO A 126 -13.62 -7.35 -0.26
N SER A 127 -13.10 -6.16 0.05
CA SER A 127 -13.69 -5.26 1.02
C SER A 127 -14.35 -4.12 0.25
N VAL A 128 -15.54 -3.71 0.67
CA VAL A 128 -16.30 -2.65 0.01
C VAL A 128 -16.40 -1.45 0.94
N PHE A 129 -16.02 -0.29 0.42
CA PHE A 129 -16.05 0.95 1.18
C PHE A 129 -16.76 2.05 0.39
N PRO A 130 -17.56 2.87 1.05
CA PRO A 130 -18.30 3.90 0.30
C PRO A 130 -17.42 5.09 -0.10
N LEU A 131 -17.75 5.66 -1.25
CA LEU A 131 -17.21 6.95 -1.68
C LEU A 131 -18.32 7.99 -1.47
N ALA A 132 -18.22 8.72 -0.36
CA ALA A 132 -19.31 9.57 0.10
C ALA A 132 -19.29 10.91 -0.64
N PRO A 133 -20.43 11.36 -1.15
CA PRO A 133 -20.49 12.65 -1.87
C PRO A 133 -20.25 13.84 -0.95
N SER A 134 -19.75 14.92 -1.55
CA SER A 134 -19.48 16.17 -0.83
C SER A 134 -20.77 16.90 -0.43
N GLY A 141 -24.77 21.40 -9.19
CA GLY A 141 -25.73 20.77 -10.07
C GLY A 141 -25.77 19.26 -9.95
N THR A 142 -24.63 18.61 -10.22
CA THR A 142 -24.52 17.16 -10.18
C THR A 142 -23.48 16.74 -9.15
N ALA A 143 -23.82 15.74 -8.35
CA ALA A 143 -22.92 15.13 -7.39
C ALA A 143 -22.52 13.74 -7.87
N ALA A 144 -21.48 13.19 -7.24
CA ALA A 144 -21.02 11.84 -7.52
C ALA A 144 -20.82 11.09 -6.21
N LEU A 145 -20.99 9.78 -6.29
CA LEU A 145 -20.79 8.88 -5.15
C LEU A 145 -20.41 7.51 -5.70
N GLY A 146 -19.95 6.64 -4.82
CA GLY A 146 -19.53 5.35 -5.30
C GLY A 146 -19.12 4.41 -4.19
N CYS A 147 -18.53 3.29 -4.60
CA CYS A 147 -17.96 2.38 -3.62
CA CYS A 147 -18.01 2.28 -3.68
C CYS A 147 -16.65 1.82 -4.16
N LEU A 148 -15.73 1.61 -3.23
CA LEU A 148 -14.41 1.11 -3.55
C LEU A 148 -14.38 -0.37 -3.20
N VAL A 149 -14.02 -1.20 -4.17
CA VAL A 149 -14.01 -2.65 -4.07
C VAL A 149 -12.56 -3.08 -4.13
N LYS A 150 -12.01 -3.46 -2.98
CA LYS A 150 -10.57 -3.50 -2.80
C LYS A 150 -10.09 -4.86 -2.31
N ASP A 151 -8.92 -5.26 -2.82
CA ASP A 151 -8.11 -6.33 -2.21
C ASP A 151 -8.73 -7.71 -2.42
N TYR A 152 -9.04 -8.03 -3.69
CA TYR A 152 -9.65 -9.30 -4.01
C TYR A 152 -8.85 -10.02 -5.09
N PHE A 153 -9.08 -11.33 -5.19
CA PHE A 153 -8.43 -12.17 -6.18
C PHE A 153 -9.23 -13.46 -6.31
N PRO A 154 -9.49 -13.95 -7.53
CA PRO A 154 -9.11 -13.40 -8.82
C PRO A 154 -10.20 -12.50 -9.42
N GLU A 155 -10.02 -11.98 -10.63
CA GLU A 155 -11.15 -11.36 -11.33
C GLU A 155 -12.19 -12.44 -11.63
N PRO A 156 -13.47 -12.07 -11.78
CA PRO A 156 -14.03 -10.72 -11.77
C PRO A 156 -14.97 -10.43 -10.58
N VAL A 157 -15.29 -9.15 -10.36
CA VAL A 157 -16.43 -8.73 -9.55
C VAL A 157 -17.43 -8.03 -10.45
N THR A 158 -18.71 -8.17 -10.13
CA THR A 158 -19.74 -7.31 -10.67
C THR A 158 -20.24 -6.36 -9.61
N VAL A 159 -20.75 -5.22 -10.08
CA VAL A 159 -21.20 -4.14 -9.23
C VAL A 159 -22.43 -3.55 -9.89
N SER A 160 -23.59 -3.70 -9.27
CA SER A 160 -24.76 -2.94 -9.72
C SER A 160 -25.12 -1.91 -8.65
N TRP A 161 -26.07 -1.05 -9.00
CA TRP A 161 -26.51 -0.01 -8.08
C TRP A 161 -28.01 -0.12 -7.86
N ASN A 162 -28.41 -0.08 -6.59
CA ASN A 162 -29.80 -0.14 -6.18
C ASN A 162 -30.49 -1.38 -6.73
N SER A 163 -29.81 -2.53 -6.66
CA SER A 163 -30.33 -3.80 -7.17
C SER A 163 -30.61 -3.75 -8.66
N GLY A 164 -29.84 -2.94 -9.38
CA GLY A 164 -29.98 -2.80 -10.81
C GLY A 164 -31.03 -1.80 -11.26
N ALA A 165 -31.68 -1.10 -10.33
CA ALA A 165 -32.63 -0.08 -10.74
C ALA A 165 -31.96 1.21 -11.20
N LEU A 166 -30.65 1.38 -10.93
CA LEU A 166 -29.90 2.59 -11.26
C LEU A 166 -28.74 2.22 -12.19
N THR A 167 -28.83 2.65 -13.45
CA THR A 167 -27.82 2.33 -14.46
C THR A 167 -27.28 3.56 -15.18
N SER A 168 -28.14 4.54 -15.45
CA SER A 168 -27.73 5.80 -16.04
C SER A 168 -26.69 6.51 -15.17
N GLY A 169 -25.55 6.85 -15.78
CA GLY A 169 -24.50 7.58 -15.10
C GLY A 169 -23.46 6.73 -14.40
N VAL A 170 -23.59 5.40 -14.44
CA VAL A 170 -22.70 4.52 -13.70
C VAL A 170 -21.44 4.24 -14.50
N HIS A 171 -20.29 4.40 -13.86
CA HIS A 171 -19.01 3.91 -14.39
C HIS A 171 -18.42 2.95 -13.38
N THR A 172 -18.16 1.71 -13.82
CA THR A 172 -17.41 0.72 -13.06
C THR A 172 -16.04 0.57 -13.70
N PHE A 173 -15.02 0.98 -12.97
CA PHE A 173 -13.70 1.05 -13.58
C PHE A 173 -13.08 -0.33 -13.71
N PRO A 174 -12.32 -0.55 -14.78
CA PRO A 174 -11.52 -1.77 -14.91
C PRO A 174 -10.66 -1.98 -13.68
N ALA A 175 -10.55 -3.24 -13.25
CA ALA A 175 -9.75 -3.56 -12.08
C ALA A 175 -8.28 -3.28 -12.33
N VAL A 176 -7.62 -2.73 -11.33
CA VAL A 176 -6.18 -2.52 -11.34
C VAL A 176 -5.53 -3.48 -10.36
N LEU A 177 -4.42 -4.09 -10.78
CA LEU A 177 -3.65 -5.00 -9.95
C LEU A 177 -2.67 -4.17 -9.12
N GLN A 178 -2.82 -4.23 -7.79
CA GLN A 178 -1.94 -3.49 -6.90
C GLN A 178 -0.61 -4.23 -6.71
N SER A 179 0.34 -3.56 -6.05
CA SER A 179 1.65 -4.17 -5.82
C SER A 179 1.57 -5.44 -4.96
N SER A 180 0.45 -5.65 -4.27
CA SER A 180 0.23 -6.84 -3.45
C SER A 180 -0.13 -8.07 -4.25
N GLY A 181 -0.52 -7.92 -5.52
CA GLY A 181 -1.11 -9.00 -6.29
C GLY A 181 -2.61 -9.12 -6.16
N LEU A 182 -3.28 -8.17 -5.54
CA LEU A 182 -4.73 -8.16 -5.41
C LEU A 182 -5.32 -7.04 -6.27
N TYR A 183 -6.53 -7.27 -6.77
CA TYR A 183 -7.21 -6.30 -7.59
C TYR A 183 -7.96 -5.28 -6.74
N SER A 184 -8.18 -4.12 -7.34
CA SER A 184 -8.98 -3.09 -6.71
C SER A 184 -9.66 -2.30 -7.81
N LEU A 185 -10.94 -1.97 -7.59
CA LEU A 185 -11.66 -1.09 -8.49
C LEU A 185 -12.62 -0.22 -7.71
N SER A 186 -13.09 0.83 -8.37
CA SER A 186 -14.18 1.68 -7.89
C SER A 186 -15.34 1.63 -8.87
N SER A 187 -16.55 1.78 -8.33
CA SER A 187 -17.73 2.02 -9.15
C SER A 187 -18.34 3.33 -8.68
N VAL A 188 -18.66 4.21 -9.62
CA VAL A 188 -19.20 5.53 -9.32
C VAL A 188 -20.50 5.73 -10.07
N VAL A 189 -21.28 6.70 -9.61
CA VAL A 189 -22.46 7.16 -10.33
C VAL A 189 -22.60 8.67 -10.09
N THR A 190 -23.09 9.38 -11.11
CA THR A 190 -23.41 10.80 -11.01
C THR A 190 -24.93 10.96 -10.86
N VAL A 191 -25.33 11.83 -9.93
CA VAL A 191 -26.75 11.98 -9.57
C VAL A 191 -27.04 13.45 -9.31
N PRO A 192 -28.31 13.83 -9.28
CA PRO A 192 -28.65 15.20 -8.87
C PRO A 192 -28.35 15.45 -7.40
N SER A 193 -27.79 16.63 -7.10
CA SER A 193 -27.44 16.96 -5.72
C SER A 193 -28.65 16.94 -4.81
N SER A 194 -29.81 17.35 -5.35
CA SER A 194 -31.02 17.40 -4.54
C SER A 194 -31.47 16.03 -4.07
N SER A 195 -31.03 14.95 -4.72
CA SER A 195 -31.46 13.63 -4.30
C SER A 195 -30.69 13.10 -3.09
N LEU A 196 -29.56 13.74 -2.74
CA LEU A 196 -28.64 13.16 -1.75
C LEU A 196 -29.26 13.07 -0.35
N GLY A 197 -30.36 13.77 -0.09
CA GLY A 197 -31.04 13.62 1.18
C GLY A 197 -32.44 13.05 1.04
N THR A 198 -32.85 12.77 -0.20
CA THR A 198 -34.14 12.13 -0.48
C THR A 198 -34.00 10.65 -0.76
N GLN A 199 -32.86 10.26 -1.33
CA GLN A 199 -32.77 9.05 -2.12
C GLN A 199 -31.65 8.16 -1.58
N THR A 200 -31.93 6.87 -1.50
CA THR A 200 -30.99 5.86 -1.04
C THR A 200 -30.13 5.36 -2.19
N TYR A 201 -28.85 5.12 -1.91
CA TYR A 201 -27.91 4.62 -2.90
C TYR A 201 -27.15 3.45 -2.30
N ILE A 202 -27.36 2.25 -2.85
CA ILE A 202 -26.72 1.04 -2.37
C ILE A 202 -26.03 0.38 -3.54
N CYS A 203 -24.75 0.06 -3.37
CA CYS A 203 -24.03 -0.68 -4.37
C CYS A 203 -23.98 -2.16 -3.97
N ASN A 204 -24.09 -3.02 -4.98
CA ASN A 204 -24.25 -4.46 -4.79
C ASN A 204 -23.05 -5.14 -5.42
N VAL A 205 -22.11 -5.55 -4.58
CA VAL A 205 -20.86 -6.18 -5.02
C VAL A 205 -21.02 -7.68 -4.92
N ASN A 206 -20.66 -8.38 -5.99
CA ASN A 206 -20.63 -9.83 -6.03
C ASN A 206 -19.26 -10.29 -6.55
N HIS A 207 -18.57 -11.08 -5.73
CA HIS A 207 -17.33 -11.75 -6.11
C HIS A 207 -17.67 -13.25 -6.03
N LYS A 208 -18.10 -13.82 -7.14
CA LYS A 208 -18.45 -15.24 -7.14
C LYS A 208 -17.28 -16.17 -6.80
N PRO A 209 -16.03 -15.91 -7.22
CA PRO A 209 -14.95 -16.85 -6.85
C PRO A 209 -14.78 -17.07 -5.35
N SER A 210 -15.15 -16.10 -4.52
CA SER A 210 -15.05 -16.30 -3.08
C SER A 210 -16.43 -16.39 -2.43
N ASN A 211 -17.49 -16.43 -3.24
CA ASN A 211 -18.86 -16.44 -2.72
CA ASN A 211 -18.86 -16.44 -2.74
C ASN A 211 -19.09 -15.26 -1.79
N THR A 212 -18.63 -14.08 -2.21
CA THR A 212 -18.78 -12.85 -1.45
C THR A 212 -19.90 -12.01 -2.08
N LYS A 213 -20.91 -11.67 -1.29
CA LYS A 213 -21.93 -10.71 -1.70
C LYS A 213 -22.02 -9.63 -0.62
N VAL A 214 -21.88 -8.37 -1.03
CA VAL A 214 -21.86 -7.26 -0.08
C VAL A 214 -22.72 -6.12 -0.62
N ASP A 215 -23.54 -5.53 0.25
CA ASP A 215 -24.36 -4.37 -0.06
C ASP A 215 -23.96 -3.24 0.87
N LYS A 216 -23.43 -2.15 0.31
CA LYS A 216 -23.02 -0.99 1.10
C LYS A 216 -23.91 0.20 0.77
N LYS A 217 -24.48 0.80 1.81
CA LYS A 217 -25.20 2.04 1.63
C LYS A 217 -24.18 3.18 1.59
N VAL A 218 -24.36 4.09 0.64
CA VAL A 218 -23.49 5.23 0.45
C VAL A 218 -24.29 6.46 0.82
N GLU A 219 -23.91 7.09 1.92
CA GLU A 219 -24.58 8.25 2.49
C GLU A 219 -23.68 9.47 2.42
N PRO A 220 -24.25 10.67 2.34
CA PRO A 220 -23.48 11.93 2.38
C PRO A 220 -23.06 12.33 3.80
N ASP B 1 2.09 -22.47 -39.26
CA ASP B 1 0.79 -21.85 -39.11
C ASP B 1 0.68 -20.63 -40.02
N VAL B 2 -0.54 -20.32 -40.46
CA VAL B 2 -0.75 -19.12 -41.25
C VAL B 2 -0.77 -17.92 -40.32
N VAL B 3 0.05 -16.92 -40.63
CA VAL B 3 0.19 -15.75 -39.77
C VAL B 3 -0.63 -14.62 -40.37
N MET B 4 -1.71 -14.25 -39.68
CA MET B 4 -2.50 -13.07 -40.00
C MET B 4 -1.91 -11.84 -39.32
N THR B 5 -1.46 -10.87 -40.12
CA THR B 5 -0.91 -9.61 -39.62
C THR B 5 -1.93 -8.52 -39.92
N GLN B 6 -2.36 -7.79 -38.90
CA GLN B 6 -3.33 -6.71 -39.05
C GLN B 6 -2.65 -5.36 -38.90
N SER B 7 -3.19 -4.37 -39.61
CA SER B 7 -2.74 -3.00 -39.43
C SER B 7 -3.91 -2.06 -39.68
N PRO B 8 -3.98 -0.94 -38.96
CA PRO B 8 -3.16 -0.64 -37.79
C PRO B 8 -3.61 -1.45 -36.58
N LEU B 9 -2.79 -1.50 -35.52
CA LEU B 9 -3.26 -2.14 -34.29
C LEU B 9 -4.25 -1.26 -33.54
N SER B 10 -4.09 0.06 -33.63
CA SER B 10 -5.06 1.02 -33.09
C SER B 10 -5.35 2.11 -34.12
N LEU B 11 -6.61 2.50 -34.21
CA LEU B 11 -7.12 3.37 -35.27
C LEU B 11 -8.11 4.37 -34.67
N ALA B 12 -7.78 5.66 -34.76
CA ALA B 12 -8.61 6.71 -34.20
C ALA B 12 -9.15 7.56 -35.34
N VAL B 13 -10.48 7.69 -35.41
CA VAL B 13 -11.12 8.34 -36.54
C VAL B 13 -12.34 9.12 -36.06
N THR B 14 -12.54 10.32 -36.62
CA THR B 14 -13.61 11.19 -36.16
C THR B 14 -14.94 10.71 -36.74
N LEU B 15 -16.01 10.90 -35.96
CA LEU B 15 -17.36 10.48 -36.33
C LEU B 15 -17.69 10.88 -37.76
N GLY B 16 -18.39 10.00 -38.48
CA GLY B 16 -18.77 10.25 -39.85
C GLY B 16 -17.67 9.99 -40.87
N GLN B 17 -16.41 9.98 -40.46
CA GLN B 17 -15.32 9.70 -41.36
C GLN B 17 -15.24 8.22 -41.71
N PRO B 18 -14.59 7.89 -42.81
CA PRO B 18 -14.32 6.48 -43.12
C PRO B 18 -13.15 5.96 -42.30
N ALA B 19 -13.08 4.63 -42.24
CA ALA B 19 -12.03 3.89 -41.55
C ALA B 19 -11.86 2.54 -42.22
N SER B 20 -10.62 2.05 -42.28
CA SER B 20 -10.41 0.73 -42.86
C SER B 20 -9.30 -0.01 -42.15
N ILE B 21 -9.51 -1.32 -41.96
CA ILE B 21 -8.58 -2.21 -41.28
C ILE B 21 -8.10 -3.24 -42.30
N SER B 22 -6.79 -3.46 -42.36
CA SER B 22 -6.22 -4.40 -43.31
C SER B 22 -5.64 -5.63 -42.63
N CYS B 23 -5.61 -6.74 -43.36
CA CYS B 23 -5.11 -8.02 -42.87
C CYS B 23 -4.31 -8.66 -44.00
N ARG B 24 -3.11 -9.14 -43.69
CA ARG B 24 -2.23 -9.78 -44.66
C ARG B 24 -1.93 -11.21 -44.24
N SER B 25 -1.66 -12.06 -45.23
CA SER B 25 -1.55 -13.50 -45.00
C SER B 25 -0.26 -14.05 -45.58
N THR B 26 0.48 -14.81 -44.77
CA THR B 26 1.73 -15.41 -45.20
C THR B 26 1.53 -16.54 -46.22
N GLN B 27 0.28 -16.97 -46.46
CA GLN B 27 -0.03 -18.01 -47.44
C GLN B 27 -1.35 -17.68 -48.10
N SER B 28 -1.53 -18.20 -49.31
CA SER B 28 -2.82 -18.04 -49.99
C SER B 28 -3.94 -18.66 -49.18
N LEU B 29 -5.07 -17.96 -49.10
CA LEU B 29 -6.23 -18.51 -48.44
C LEU B 29 -7.26 -19.03 -49.42
N VAL B 30 -6.91 -19.21 -50.68
CA VAL B 30 -7.82 -19.80 -51.65
C VAL B 30 -7.87 -21.30 -51.36
N TYR B 31 -9.06 -21.79 -51.05
CA TYR B 31 -9.30 -23.20 -50.79
C TYR B 31 -9.56 -23.94 -52.10
N SER B 32 -9.46 -25.26 -52.03
CA SER B 32 -9.63 -26.08 -53.21
C SER B 32 -11.01 -25.88 -53.86
N ASP B 33 -12.01 -25.39 -53.13
CA ASP B 33 -13.28 -25.08 -53.76
C ASP B 33 -13.32 -23.70 -54.43
N GLY B 34 -12.22 -22.94 -54.44
CA GLY B 34 -12.19 -21.65 -55.08
C GLY B 34 -12.59 -20.46 -54.22
N ASN B 35 -13.02 -20.69 -53.00
CA ASN B 35 -13.34 -19.60 -52.10
C ASN B 35 -12.14 -19.20 -51.24
N THR B 36 -12.12 -17.92 -50.84
CA THR B 36 -11.18 -17.42 -49.84
C THR B 36 -11.91 -17.32 -48.49
N TYR B 37 -11.42 -18.04 -47.49
CA TYR B 37 -12.10 -18.10 -46.18
C TYR B 37 -11.47 -17.10 -45.21
N LEU B 38 -11.66 -15.82 -45.54
CA LEU B 38 -11.26 -14.71 -44.68
C LEU B 38 -12.49 -14.13 -44.00
N ASN B 39 -12.43 -14.02 -42.67
CA ASN B 39 -13.52 -13.55 -41.83
C ASN B 39 -13.13 -12.30 -41.04
N TRP B 40 -14.12 -11.47 -40.74
CA TRP B 40 -13.93 -10.29 -39.89
C TRP B 40 -14.90 -10.34 -38.73
N PHE B 41 -14.37 -10.14 -37.52
CA PHE B 41 -15.15 -10.16 -36.29
C PHE B 41 -15.03 -8.83 -35.56
N GLN B 42 -16.15 -8.38 -34.99
CA GLN B 42 -16.23 -7.26 -34.06
C GLN B 42 -16.37 -7.80 -32.65
N GLN B 43 -15.71 -7.17 -31.68
CA GLN B 43 -15.86 -7.57 -30.27
C GLN B 43 -15.86 -6.35 -29.36
N ARG B 44 -16.95 -6.17 -28.64
CA ARG B 44 -17.14 -5.10 -27.68
C ARG B 44 -16.72 -5.57 -26.28
N PRO B 45 -16.32 -4.64 -25.40
CA PRO B 45 -15.69 -5.05 -24.13
C PRO B 45 -16.62 -5.94 -23.33
N GLY B 46 -16.11 -7.11 -22.93
CA GLY B 46 -16.89 -8.06 -22.17
C GLY B 46 -17.97 -8.75 -22.98
N GLN B 47 -17.69 -9.07 -24.24
CA GLN B 47 -18.70 -9.63 -25.12
C GLN B 47 -18.04 -10.66 -26.01
N SER B 48 -18.78 -11.72 -26.32
CA SER B 48 -18.25 -12.67 -27.29
C SER B 48 -18.14 -12.01 -28.67
N PRO B 49 -17.22 -12.48 -29.51
CA PRO B 49 -17.07 -11.90 -30.85
C PRO B 49 -18.32 -12.10 -31.69
N ARG B 50 -18.51 -11.18 -32.64
CA ARG B 50 -19.65 -11.18 -33.55
C ARG B 50 -19.15 -11.05 -34.97
N ARG B 51 -19.48 -12.03 -35.82
CA ARG B 51 -18.98 -12.03 -37.19
C ARG B 51 -19.59 -10.90 -38.01
N LEU B 52 -18.76 -10.19 -38.76
CA LEU B 52 -19.25 -9.15 -39.66
C LEU B 52 -19.22 -9.60 -41.12
N ILE B 53 -18.10 -10.18 -41.53
CA ILE B 53 -17.85 -10.55 -42.92
C ILE B 53 -17.37 -12.00 -42.94
N TYR B 54 -17.85 -12.76 -43.91
CA TYR B 54 -17.26 -14.06 -44.21
C TYR B 54 -16.95 -14.13 -45.70
N LYS B 55 -16.00 -14.99 -46.03
CA LYS B 55 -15.46 -15.14 -47.39
C LYS B 55 -15.23 -13.77 -48.02
N VAL B 56 -14.44 -12.95 -47.32
CA VAL B 56 -13.85 -11.71 -47.82
C VAL B 56 -14.83 -10.55 -47.81
N SER B 57 -16.06 -10.76 -48.30
CA SER B 57 -16.93 -9.64 -48.63
C SER B 57 -18.41 -9.86 -48.35
N ASN B 58 -18.81 -11.03 -47.89
CA ASN B 58 -20.22 -11.27 -47.57
C ASN B 58 -20.51 -10.72 -46.18
N ARG B 59 -21.48 -9.83 -46.09
CA ARG B 59 -21.82 -9.16 -44.84
C ARG B 59 -22.86 -9.98 -44.09
N ASP B 60 -22.66 -10.16 -42.79
CA ASP B 60 -23.60 -10.99 -42.04
C ASP B 60 -24.96 -10.31 -41.93
N SER B 61 -26.00 -11.14 -41.94
CA SER B 61 -27.36 -10.63 -41.79
C SER B 61 -27.50 -9.88 -40.47
N GLY B 62 -28.11 -8.71 -40.53
CA GLY B 62 -28.19 -7.88 -39.35
C GLY B 62 -26.94 -7.07 -39.05
N VAL B 63 -25.96 -7.09 -39.94
CA VAL B 63 -24.80 -6.20 -39.85
C VAL B 63 -25.07 -5.00 -40.74
N PRO B 64 -24.95 -3.77 -40.23
CA PRO B 64 -25.30 -2.58 -41.03
C PRO B 64 -24.46 -2.48 -42.30
N ASP B 65 -25.00 -1.77 -43.29
CA ASP B 65 -24.36 -1.76 -44.61
C ASP B 65 -23.24 -0.73 -44.75
N ARG B 66 -22.87 -0.02 -43.68
CA ARG B 66 -21.65 0.77 -43.73
C ARG B 66 -20.41 -0.09 -43.64
N PHE B 67 -20.56 -1.39 -43.37
CA PHE B 67 -19.46 -2.35 -43.31
C PHE B 67 -19.32 -3.07 -44.65
N SER B 68 -18.10 -3.16 -45.15
CA SER B 68 -17.83 -3.87 -46.39
C SER B 68 -16.47 -4.55 -46.30
N GLY B 69 -16.25 -5.50 -47.19
CA GLY B 69 -14.98 -6.22 -47.20
C GLY B 69 -14.51 -6.43 -48.61
N SER B 70 -13.21 -6.42 -48.82
CA SER B 70 -12.66 -6.53 -50.17
C SER B 70 -11.24 -7.04 -50.08
N GLU B 71 -10.69 -7.36 -51.25
CA GLU B 71 -9.37 -7.98 -51.35
C GLU B 71 -8.57 -7.26 -52.42
N SER B 72 -7.29 -7.01 -52.15
CA SER B 72 -6.40 -6.40 -53.13
C SER B 72 -5.24 -7.31 -53.50
N GLY B 73 -5.39 -8.63 -53.32
CA GLY B 73 -4.25 -9.51 -53.47
C GLY B 73 -3.20 -9.22 -52.42
N THR B 74 -2.66 -8.00 -52.45
CA THR B 74 -1.75 -7.53 -51.42
C THR B 74 -2.31 -7.79 -50.02
N ASP B 75 -3.61 -7.60 -49.83
CA ASP B 75 -4.21 -7.79 -48.51
C ASP B 75 -5.73 -7.74 -48.59
N PHE B 76 -6.34 -8.00 -47.44
CA PHE B 76 -7.78 -7.99 -47.25
C PHE B 76 -8.12 -6.79 -46.39
N THR B 77 -9.28 -6.18 -46.64
CA THR B 77 -9.61 -4.90 -46.04
C THR B 77 -11.06 -4.86 -45.57
N LEU B 78 -11.24 -4.62 -44.26
CA LEU B 78 -12.54 -4.28 -43.71
C LEU B 78 -12.72 -2.77 -43.75
N LYS B 79 -13.86 -2.31 -44.27
CA LYS B 79 -14.12 -0.89 -44.42
C LYS B 79 -15.40 -0.53 -43.68
N ILE B 80 -15.33 0.59 -42.96
CA ILE B 80 -16.50 1.22 -42.37
C ILE B 80 -16.61 2.55 -43.09
N SER B 81 -17.70 2.74 -43.86
CA SER B 81 -17.76 3.92 -44.73
C SER B 81 -17.93 5.21 -43.93
N ARG B 82 -18.80 5.21 -42.92
CA ARG B 82 -19.02 6.37 -42.05
C ARG B 82 -19.01 5.87 -40.62
N VAL B 83 -17.92 6.18 -39.90
CA VAL B 83 -17.73 5.67 -38.55
C VAL B 83 -18.78 6.24 -37.59
N GLU B 84 -19.45 5.37 -36.84
CA GLU B 84 -20.45 5.76 -35.85
C GLU B 84 -19.95 5.44 -34.44
N ALA B 85 -20.58 6.08 -33.45
CA ALA B 85 -20.10 5.98 -32.09
C ALA B 85 -20.13 4.54 -31.57
N GLU B 86 -21.17 3.78 -31.93
CA GLU B 86 -21.29 2.39 -31.49
C GLU B 86 -20.23 1.47 -32.09
N ASP B 87 -19.32 1.96 -32.91
CA ASP B 87 -18.33 1.11 -33.55
C ASP B 87 -17.02 1.01 -32.78
N VAL B 88 -16.95 1.60 -31.58
CA VAL B 88 -15.80 1.35 -30.71
C VAL B 88 -15.68 -0.14 -30.48
N GLY B 89 -14.46 -0.60 -30.30
CA GLY B 89 -14.23 -1.98 -29.94
C GLY B 89 -13.05 -2.52 -30.69
N LEU B 90 -12.88 -3.84 -30.60
CA LEU B 90 -11.83 -4.56 -31.30
C LEU B 90 -12.39 -5.22 -32.55
N TYR B 91 -11.51 -5.42 -33.53
CA TYR B 91 -11.85 -6.04 -34.80
C TYR B 91 -10.74 -7.01 -35.15
N TYR B 92 -11.12 -8.22 -35.54
CA TYR B 92 -10.16 -9.27 -35.84
C TYR B 92 -10.47 -9.86 -37.20
N CYS B 93 -9.42 -10.24 -37.93
CA CYS B 93 -9.60 -11.10 -39.09
C CYS B 93 -9.30 -12.55 -38.69
N MET B 94 -9.80 -13.48 -39.49
CA MET B 94 -9.61 -14.89 -39.24
C MET B 94 -9.65 -15.65 -40.56
N GLN B 95 -8.62 -16.45 -40.77
CA GLN B 95 -8.60 -17.37 -41.89
C GLN B 95 -9.03 -18.74 -41.40
N GLY B 96 -9.94 -19.37 -42.14
CA GLY B 96 -10.33 -20.74 -41.89
C GLY B 96 -10.11 -21.64 -43.10
N THR B 97 -9.03 -21.40 -43.86
CA THR B 97 -8.61 -22.22 -44.99
C THR B 97 -7.61 -23.30 -44.58
N HIS B 98 -6.69 -22.96 -43.69
CA HIS B 98 -5.68 -23.88 -43.21
C HIS B 98 -5.85 -24.07 -41.71
N TRP B 99 -5.75 -25.34 -41.27
CA TRP B 99 -5.59 -25.72 -39.85
C TRP B 99 -4.13 -25.50 -39.45
N PRO B 100 -3.86 -24.89 -38.28
CA PRO B 100 -4.86 -24.33 -37.37
C PRO B 100 -5.43 -23.01 -37.89
N TRP B 101 -6.73 -22.80 -37.71
CA TRP B 101 -7.33 -21.51 -37.95
C TRP B 101 -6.63 -20.47 -37.11
N THR B 102 -6.47 -19.26 -37.66
CA THR B 102 -5.71 -18.22 -36.97
C THR B 102 -6.37 -16.84 -37.13
N PHE B 103 -6.25 -16.04 -36.08
CA PHE B 103 -6.70 -14.65 -36.08
C PHE B 103 -5.51 -13.71 -36.31
N GLY B 104 -5.83 -12.46 -36.67
CA GLY B 104 -4.84 -11.40 -36.55
C GLY B 104 -4.78 -10.87 -35.12
N GLN B 105 -3.80 -10.00 -34.86
CA GLN B 105 -3.58 -9.49 -33.50
CA GLN B 105 -3.58 -9.50 -33.50
C GLN B 105 -4.74 -8.64 -33.00
N GLY B 106 -5.55 -8.08 -33.89
CA GLY B 106 -6.66 -7.24 -33.51
C GLY B 106 -6.40 -5.77 -33.81
N THR B 107 -7.49 -5.00 -33.89
CA THR B 107 -7.43 -3.56 -34.14
C THR B 107 -8.45 -2.86 -33.28
N LYS B 108 -8.01 -1.86 -32.54
CA LYS B 108 -8.88 -1.12 -31.63
C LYS B 108 -9.33 0.18 -32.31
N VAL B 109 -10.63 0.43 -32.30
CA VAL B 109 -11.21 1.59 -32.97
C VAL B 109 -11.67 2.57 -31.92
N GLU B 110 -11.01 3.73 -31.87
CA GLU B 110 -11.39 4.85 -31.01
C GLU B 110 -12.08 5.93 -31.85
N ILE B 111 -13.15 6.50 -31.30
CA ILE B 111 -13.82 7.64 -31.93
C ILE B 111 -13.13 8.93 -31.51
N LYS B 112 -12.87 9.80 -32.49
CA LYS B 112 -12.38 11.14 -32.24
C LYS B 112 -13.56 12.10 -32.23
N ARG B 113 -13.92 12.59 -31.06
CA ARG B 113 -15.02 13.54 -30.93
C ARG B 113 -14.45 14.90 -30.60
N THR B 114 -15.33 15.83 -30.25
CA THR B 114 -14.87 17.14 -29.83
C THR B 114 -14.36 17.06 -28.40
N VAL B 115 -13.57 18.07 -28.03
CA VAL B 115 -12.96 18.10 -26.70
C VAL B 115 -14.05 18.27 -25.64
N ALA B 116 -13.97 17.49 -24.58
CA ALA B 116 -14.89 17.62 -23.47
C ALA B 116 -14.07 17.64 -22.19
N ALA B 117 -14.13 18.75 -21.46
CA ALA B 117 -13.50 18.83 -20.15
C ALA B 117 -14.16 17.86 -19.18
N PRO B 118 -13.38 17.26 -18.28
CA PRO B 118 -13.96 16.41 -17.23
C PRO B 118 -14.61 17.20 -16.11
N SER B 119 -15.66 16.62 -15.54
CA SER B 119 -16.08 16.97 -14.18
C SER B 119 -15.23 16.20 -13.18
N VAL B 120 -14.82 16.88 -12.11
CA VAL B 120 -13.85 16.36 -11.15
C VAL B 120 -14.49 16.30 -9.77
N PHE B 121 -14.33 15.16 -9.09
CA PHE B 121 -14.84 14.93 -7.75
C PHE B 121 -13.77 14.26 -6.90
N ILE B 122 -13.74 14.59 -5.61
CA ILE B 122 -12.81 13.96 -4.68
C ILE B 122 -13.59 13.27 -3.57
N PHE B 123 -13.05 12.15 -3.10
CA PHE B 123 -13.71 11.30 -2.10
C PHE B 123 -12.71 10.97 -0.99
N PRO B 124 -13.04 11.28 0.27
CA PRO B 124 -12.15 10.94 1.38
C PRO B 124 -12.31 9.47 1.76
N PRO B 125 -11.34 8.89 2.46
CA PRO B 125 -11.51 7.51 2.94
C PRO B 125 -12.67 7.41 3.91
N SER B 126 -13.23 6.22 4.00
CA SER B 126 -14.34 5.99 4.90
C SER B 126 -13.82 5.62 6.28
N ASP B 127 -14.60 6.00 7.29
CA ASP B 127 -14.24 5.61 8.66
C ASP B 127 -14.14 4.09 8.80
N GLU B 128 -14.95 3.33 8.05
CA GLU B 128 -14.85 1.87 8.08
C GLU B 128 -13.46 1.41 7.66
N GLN B 129 -12.97 1.91 6.51
CA GLN B 129 -11.66 1.52 6.01
C GLN B 129 -10.55 1.96 6.96
N LEU B 130 -10.65 3.18 7.50
CA LEU B 130 -9.62 3.65 8.40
C LEU B 130 -9.43 2.74 9.62
N LYS B 131 -10.42 1.90 9.95
CA LYS B 131 -10.29 1.07 11.14
C LYS B 131 -9.32 -0.10 10.94
N SER B 132 -8.90 -0.38 9.70
CA SER B 132 -7.93 -1.43 9.44
C SER B 132 -6.59 -0.90 8.98
N GLY B 133 -6.38 0.42 9.08
CA GLY B 133 -5.04 0.97 9.08
C GLY B 133 -4.56 1.59 7.79
N THR B 134 -5.33 1.53 6.73
CA THR B 134 -4.91 2.09 5.45
C THR B 134 -6.03 2.97 4.89
N ALA B 135 -5.64 4.05 4.23
CA ALA B 135 -6.57 5.05 3.72
C ALA B 135 -6.48 5.13 2.20
N SER B 136 -7.64 5.12 1.54
CA SER B 136 -7.73 5.35 0.10
C SER B 136 -8.45 6.66 -0.16
N VAL B 137 -7.82 7.54 -0.93
CA VAL B 137 -8.43 8.80 -1.37
C VAL B 137 -8.62 8.70 -2.87
N VAL B 138 -9.80 9.08 -3.36
CA VAL B 138 -10.21 8.83 -4.74
C VAL B 138 -10.56 10.14 -5.44
N CYS B 139 -10.03 10.32 -6.63
CA CYS B 139 -10.31 11.46 -7.49
C CYS B 139 -10.92 10.93 -8.79
N LEU B 140 -12.06 11.50 -9.19
CA LEU B 140 -12.82 11.02 -10.34
C LEU B 140 -12.89 12.09 -11.41
N LEU B 141 -12.52 11.71 -12.64
CA LEU B 141 -12.65 12.54 -13.83
C LEU B 141 -13.77 11.94 -14.66
N ASN B 142 -14.84 12.69 -14.87
CA ASN B 142 -16.05 12.14 -15.48
C ASN B 142 -16.24 12.69 -16.89
N ASN B 143 -16.41 11.77 -17.86
CA ASN B 143 -16.90 12.08 -19.21
C ASN B 143 -16.03 13.14 -19.90
N PHE B 144 -14.78 12.79 -20.16
CA PHE B 144 -13.88 13.70 -20.84
C PHE B 144 -13.40 13.12 -22.17
N TYR B 145 -12.91 13.99 -23.03
CA TYR B 145 -12.30 13.59 -24.31
C TYR B 145 -11.33 14.71 -24.67
N PRO B 146 -10.09 14.39 -25.08
CA PRO B 146 -9.51 13.05 -25.25
C PRO B 146 -9.08 12.39 -23.94
N ARG B 147 -8.42 11.23 -24.06
CA ARG B 147 -8.09 10.36 -22.93
C ARG B 147 -6.90 10.88 -22.13
N GLU B 148 -5.95 11.57 -22.76
CA GLU B 148 -4.77 12.09 -22.08
C GLU B 148 -5.16 13.09 -21.00
N ALA B 149 -4.73 12.83 -19.76
CA ALA B 149 -5.02 13.72 -18.65
C ALA B 149 -3.97 13.53 -17.57
N LYS B 150 -3.65 14.61 -16.89
CA LYS B 150 -2.67 14.60 -15.81
C LYS B 150 -3.42 14.77 -14.50
N VAL B 151 -3.21 13.85 -13.57
CA VAL B 151 -3.82 13.91 -12.25
C VAL B 151 -2.70 13.95 -11.24
N GLN B 152 -2.62 15.05 -10.50
CA GLN B 152 -1.61 15.22 -9.47
C GLN B 152 -2.28 15.31 -8.11
N TRP B 153 -1.68 14.65 -7.12
CA TRP B 153 -2.17 14.68 -5.75
C TRP B 153 -1.31 15.62 -4.90
N LYS B 154 -1.95 16.37 -4.01
CA LYS B 154 -1.24 17.23 -3.08
C LYS B 154 -1.81 17.05 -1.69
N VAL B 155 -0.93 16.81 -0.70
CA VAL B 155 -1.30 16.64 0.70
C VAL B 155 -0.63 17.74 1.50
N ASP B 156 -1.44 18.56 2.18
CA ASP B 156 -0.96 19.78 2.84
C ASP B 156 -0.07 20.58 1.90
N ASN B 157 -0.46 20.59 0.62
CA ASN B 157 0.17 21.28 -0.50
C ASN B 157 1.49 20.65 -0.93
N ALA B 158 1.84 19.48 -0.40
CA ALA B 158 3.04 18.76 -0.82
C ALA B 158 2.67 17.75 -1.91
N LEU B 159 3.35 17.85 -3.05
CA LEU B 159 3.05 17.02 -4.20
C LEU B 159 3.44 15.57 -3.95
N GLN B 160 2.53 14.64 -4.23
CA GLN B 160 2.75 13.23 -3.95
C GLN B 160 3.44 12.54 -5.12
N SER B 161 4.21 11.51 -4.79
CA SER B 161 4.97 10.73 -5.75
C SER B 161 4.80 9.25 -5.44
N GLY B 162 4.35 8.49 -6.43
CA GLY B 162 4.45 7.04 -6.41
C GLY B 162 3.40 6.31 -5.62
N ASN B 163 2.42 6.99 -5.05
CA ASN B 163 1.46 6.34 -4.16
C ASN B 163 0.03 6.46 -4.70
N SER B 164 -0.12 6.59 -6.02
CA SER B 164 -1.43 6.65 -6.66
C SER B 164 -1.46 5.73 -7.88
N GLN B 165 -2.68 5.36 -8.28
CA GLN B 165 -2.90 4.42 -9.38
C GLN B 165 -4.13 4.84 -10.17
N GLU B 166 -4.09 4.65 -11.50
CA GLU B 166 -5.13 5.16 -12.40
C GLU B 166 -5.83 4.03 -13.13
N SER B 167 -7.14 4.18 -13.30
CA SER B 167 -7.93 3.32 -14.16
C SER B 167 -8.84 4.18 -15.03
N VAL B 168 -9.08 3.74 -16.26
CA VAL B 168 -9.85 4.48 -17.27
C VAL B 168 -10.86 3.54 -17.90
N THR B 169 -12.11 3.97 -18.01
CA THR B 169 -13.14 3.18 -18.68
C THR B 169 -12.82 2.99 -20.17
N GLU B 170 -13.51 2.04 -20.77
CA GLU B 170 -13.59 1.95 -22.22
C GLU B 170 -14.35 3.15 -22.75
N GLN B 171 -14.04 3.57 -23.97
CA GLN B 171 -14.76 4.69 -24.55
C GLN B 171 -16.25 4.39 -24.57
N ASP B 172 -17.05 5.28 -23.98
CA ASP B 172 -18.50 5.10 -24.02
C ASP B 172 -19.00 5.01 -25.46
N SER B 173 -19.84 4.03 -25.73
CA SER B 173 -20.27 3.77 -27.09
C SER B 173 -21.33 4.75 -27.58
N LYS B 174 -21.79 5.66 -26.71
CA LYS B 174 -22.82 6.63 -27.05
C LYS B 174 -22.25 8.04 -27.18
N ASP B 175 -21.61 8.58 -26.14
CA ASP B 175 -21.05 9.93 -26.22
C ASP B 175 -19.54 9.94 -26.44
N SER B 176 -18.91 8.78 -26.58
CA SER B 176 -17.51 8.66 -26.98
C SER B 176 -16.55 9.31 -26.00
N THR B 177 -16.95 9.41 -24.74
CA THR B 177 -16.09 9.95 -23.69
C THR B 177 -15.45 8.84 -22.87
N TYR B 178 -14.50 9.26 -22.05
CA TYR B 178 -13.83 8.42 -21.07
C TYR B 178 -14.16 8.92 -19.67
N SER B 179 -13.86 8.07 -18.68
CA SER B 179 -13.80 8.48 -17.29
C SER B 179 -12.58 7.85 -16.65
N LEU B 180 -12.08 8.48 -15.59
CA LEU B 180 -10.83 8.06 -14.98
C LEU B 180 -10.94 8.17 -13.47
N SER B 181 -10.37 7.19 -12.77
CA SER B 181 -10.26 7.22 -11.32
C SER B 181 -8.78 7.20 -10.96
N SER B 182 -8.38 8.06 -10.03
CA SER B 182 -7.06 8.06 -9.44
C SER B 182 -7.21 7.79 -7.94
N THR B 183 -6.52 6.75 -7.46
CA THR B 183 -6.64 6.29 -6.07
C THR B 183 -5.31 6.57 -5.36
N LEU B 184 -5.33 7.46 -4.36
CA LEU B 184 -4.17 7.69 -3.51
C LEU B 184 -4.25 6.77 -2.31
N THR B 185 -3.13 6.10 -1.99
CA THR B 185 -3.09 5.11 -0.91
C THR B 185 -2.09 5.54 0.16
N LEU B 186 -2.59 5.66 1.40
CA LEU B 186 -1.83 6.11 2.57
C LEU B 186 -2.08 5.19 3.74
N SER B 187 -1.15 5.21 4.70
CA SER B 187 -1.45 4.65 6.01
C SER B 187 -2.39 5.57 6.76
N LYS B 188 -3.16 5.01 7.69
CA LYS B 188 -3.98 5.86 8.56
C LYS B 188 -3.12 6.88 9.31
N ALA B 189 -1.95 6.44 9.81
CA ALA B 189 -1.09 7.34 10.57
C ALA B 189 -0.64 8.53 9.73
N ASP B 190 -0.34 8.30 8.45
CA ASP B 190 0.03 9.42 7.58
C ASP B 190 -1.19 10.27 7.22
N TYR B 191 -2.33 9.63 7.04
CA TYR B 191 -3.56 10.38 6.75
C TYR B 191 -3.89 11.36 7.87
N GLU B 192 -3.71 10.92 9.12
CA GLU B 192 -4.16 11.70 10.25
C GLU B 192 -3.20 12.82 10.61
N LYS B 193 -2.00 12.84 10.04
CA LYS B 193 -1.02 13.86 10.31
C LYS B 193 -1.11 15.05 9.35
N HIS B 194 -2.13 15.09 8.49
CA HIS B 194 -2.29 16.18 7.53
C HIS B 194 -3.77 16.54 7.39
N LYS B 195 -4.03 17.78 6.99
CA LYS B 195 -5.38 18.32 6.93
C LYS B 195 -5.96 18.43 5.52
N VAL B 196 -5.21 18.91 4.53
CA VAL B 196 -5.79 19.22 3.23
C VAL B 196 -5.37 18.17 2.22
N TYR B 197 -6.36 17.57 1.56
CA TYR B 197 -6.14 16.58 0.52
C TYR B 197 -6.72 17.12 -0.78
N ALA B 198 -5.91 17.16 -1.82
CA ALA B 198 -6.33 17.80 -3.06
C ALA B 198 -5.87 16.98 -4.24
N CYS B 199 -6.73 16.91 -5.25
CA CYS B 199 -6.34 16.35 -6.54
CA CYS B 199 -6.40 16.34 -6.55
C CYS B 199 -6.44 17.45 -7.58
N GLU B 200 -5.36 17.61 -8.34
CA GLU B 200 -5.19 18.70 -9.29
C GLU B 200 -5.19 18.11 -10.69
N VAL B 201 -6.15 18.53 -11.51
CA VAL B 201 -6.42 17.92 -12.79
C VAL B 201 -6.12 18.94 -13.89
N THR B 202 -5.22 18.59 -14.79
CA THR B 202 -5.02 19.36 -16.01
C THR B 202 -5.44 18.50 -17.19
N HIS B 203 -6.04 19.16 -18.19
CA HIS B 203 -6.63 18.49 -19.34
C HIS B 203 -6.79 19.53 -20.42
N GLN B 204 -6.77 19.06 -21.68
CA GLN B 204 -6.88 19.96 -22.82
C GLN B 204 -8.20 20.74 -22.82
N GLY B 205 -9.26 20.19 -22.23
CA GLY B 205 -10.53 20.87 -22.15
C GLY B 205 -10.62 21.97 -21.11
N LEU B 206 -9.67 22.03 -20.18
CA LEU B 206 -9.68 23.00 -19.08
C LEU B 206 -8.69 24.13 -19.39
N SER B 207 -9.14 25.38 -19.23
CA SER B 207 -8.28 26.53 -19.51
C SER B 207 -7.29 26.83 -18.37
N SER B 208 -7.57 26.31 -17.18
CA SER B 208 -6.69 26.28 -16.01
C SER B 208 -6.88 24.94 -15.33
N PRO B 209 -5.88 24.48 -14.56
CA PRO B 209 -6.05 23.23 -13.81
C PRO B 209 -7.17 23.35 -12.78
N VAL B 210 -7.90 22.25 -12.58
CA VAL B 210 -8.98 22.20 -11.61
C VAL B 210 -8.50 21.45 -10.40
N THR B 211 -8.64 22.07 -9.22
CA THR B 211 -8.31 21.42 -7.96
C THR B 211 -9.58 21.18 -7.16
N LYS B 212 -9.80 19.92 -6.78
CA LYS B 212 -10.84 19.58 -5.82
C LYS B 212 -10.16 19.11 -4.55
N SER B 213 -10.71 19.48 -3.41
CA SER B 213 -10.00 19.24 -2.16
C SER B 213 -10.98 19.12 -1.02
N PHE B 214 -10.50 18.50 0.06
CA PHE B 214 -11.25 18.48 1.30
C PHE B 214 -10.26 18.66 2.45
N ASN B 215 -10.81 19.03 3.59
CA ASN B 215 -10.06 19.09 4.83
C ASN B 215 -10.46 17.87 5.64
N ARG B 216 -9.47 17.03 5.98
CA ARG B 216 -9.69 15.95 6.94
C ARG B 216 -10.41 16.49 8.17
N GLY B 217 -11.57 15.90 8.46
CA GLY B 217 -12.38 16.35 9.58
C GLY B 217 -13.47 17.34 9.25
N GLU B 218 -13.89 17.44 7.99
CA GLU B 218 -15.02 18.31 7.64
C GLU B 218 -15.98 17.60 6.70
N GLN C 1 -4.47 -2.36 4.96
CA GLN C 1 -5.31 -3.34 5.62
C GLN C 1 -4.41 -4.29 6.42
N VAL C 2 -3.14 -4.41 6.04
CA VAL C 2 -2.19 -5.23 6.79
C VAL C 2 -1.92 -4.60 8.16
N GLN C 3 -1.91 -5.44 9.19
CA GLN C 3 -1.83 -4.96 10.57
C GLN C 3 -1.21 -6.05 11.43
N LEU C 4 -0.09 -5.72 12.08
CA LEU C 4 0.64 -6.64 12.94
C LEU C 4 0.69 -6.04 14.34
N VAL C 5 0.33 -6.83 15.35
CA VAL C 5 0.31 -6.38 16.74
C VAL C 5 1.12 -7.35 17.58
N GLU C 6 2.31 -6.92 18.02
CA GLU C 6 3.12 -7.69 18.94
C GLU C 6 2.55 -7.58 20.37
N SER C 7 2.73 -8.63 21.15
CA SER C 7 2.42 -8.57 22.57
C SER C 7 3.31 -9.58 23.29
N GLY C 8 3.21 -9.61 24.62
CA GLY C 8 3.93 -10.57 25.43
C GLY C 8 5.20 -10.07 26.08
N GLY C 9 5.61 -8.84 25.81
CA GLY C 9 6.81 -8.32 26.42
C GLY C 9 6.59 -7.84 27.84
N GLY C 10 7.70 -7.71 28.55
CA GLY C 10 7.68 -7.31 29.95
C GLY C 10 9.05 -7.52 30.57
N VAL C 11 9.07 -7.49 31.89
CA VAL C 11 10.29 -7.77 32.66
C VAL C 11 10.43 -9.29 32.82
N VAL C 12 11.64 -9.79 32.67
CA VAL C 12 11.92 -11.21 32.87
C VAL C 12 13.32 -11.34 33.45
N GLN C 13 13.46 -12.19 34.46
CA GLN C 13 14.74 -12.36 35.13
C GLN C 13 15.72 -13.08 34.21
N PRO C 14 17.01 -12.78 34.32
CA PRO C 14 18.03 -13.51 33.54
C PRO C 14 17.93 -15.02 33.74
N GLY C 15 18.08 -15.76 32.64
CA GLY C 15 17.92 -17.20 32.67
C GLY C 15 16.50 -17.68 32.49
N ARG C 16 15.50 -16.81 32.60
CA ARG C 16 14.11 -17.25 32.53
C ARG C 16 13.62 -17.18 31.09
N SER C 17 12.34 -17.47 30.90
CA SER C 17 11.73 -17.61 29.59
C SER C 17 10.63 -16.59 29.39
N LEU C 18 10.33 -16.32 28.13
CA LEU C 18 9.24 -15.43 27.76
C LEU C 18 8.81 -15.77 26.33
N ARG C 19 7.50 -15.74 26.08
CA ARG C 19 6.97 -16.01 24.74
C ARG C 19 6.30 -14.76 24.17
N LEU C 20 6.78 -14.31 23.02
CA LEU C 20 6.17 -13.17 22.32
C LEU C 20 5.18 -13.64 21.26
N SER C 21 4.08 -12.89 21.13
CA SER C 21 3.06 -13.12 20.12
C SER C 21 3.00 -11.96 19.15
N CYS C 22 2.53 -12.26 17.94
CA CYS C 22 2.22 -11.25 16.94
C CYS C 22 0.89 -11.64 16.30
N ALA C 23 -0.13 -10.79 16.48
CA ALA C 23 -1.44 -11.03 15.89
C ALA C 23 -1.52 -10.32 14.54
N ALA C 24 -1.76 -11.08 13.47
CA ALA C 24 -1.76 -10.55 12.11
C ALA C 24 -3.18 -10.51 11.56
N SER C 25 -3.49 -9.48 10.77
CA SER C 25 -4.78 -9.38 10.12
C SER C 25 -4.68 -8.58 8.83
N GLY C 26 -5.73 -8.66 8.04
CA GLY C 26 -5.81 -7.94 6.78
C GLY C 26 -5.19 -8.64 5.59
N PHE C 27 -4.72 -9.87 5.73
CA PHE C 27 -4.10 -10.57 4.61
C PHE C 27 -4.19 -12.07 4.83
N THR C 28 -4.00 -12.82 3.76
CA THR C 28 -3.83 -14.26 3.86
C THR C 28 -2.53 -14.59 4.60
N PHE C 29 -2.62 -14.74 5.92
CA PHE C 29 -1.45 -15.02 6.74
C PHE C 29 -0.62 -16.17 6.19
N SER C 30 -1.28 -17.26 5.79
CA SER C 30 -0.61 -18.48 5.36
C SER C 30 0.12 -18.35 4.02
N SER C 31 0.15 -17.18 3.38
CA SER C 31 0.92 -17.02 2.15
C SER C 31 2.21 -16.25 2.36
N TYR C 32 2.54 -15.85 3.60
CA TYR C 32 3.65 -14.94 3.87
C TYR C 32 4.60 -15.51 4.92
N GLY C 33 5.88 -15.59 4.58
CA GLY C 33 6.89 -15.78 5.61
C GLY C 33 6.92 -14.61 6.58
N MET C 34 7.44 -14.86 7.78
CA MET C 34 7.33 -13.93 8.89
C MET C 34 8.71 -13.79 9.54
N HIS C 35 9.05 -12.57 9.98
CA HIS C 35 10.36 -12.30 10.56
C HIS C 35 10.22 -11.65 11.93
N TRP C 36 11.28 -11.77 12.73
CA TRP C 36 11.46 -11.03 13.98
C TRP C 36 12.73 -10.18 13.87
N VAL C 37 12.60 -8.90 14.20
CA VAL C 37 13.71 -7.97 14.21
C VAL C 37 13.70 -7.29 15.56
N ARG C 38 14.87 -7.10 16.15
CA ARG C 38 14.91 -6.52 17.48
C ARG C 38 15.80 -5.28 17.49
N GLN C 39 15.59 -4.43 18.48
CA GLN C 39 16.34 -3.18 18.59
C GLN C 39 16.57 -2.89 20.07
N ALA C 40 17.80 -3.07 20.52
CA ALA C 40 18.16 -2.75 21.90
C ALA C 40 17.99 -1.25 22.12
N PRO C 41 17.73 -0.83 23.36
CA PRO C 41 17.49 0.60 23.63
C PRO C 41 18.69 1.45 23.23
N GLY C 42 18.42 2.47 22.41
CA GLY C 42 19.45 3.36 21.90
C GLY C 42 20.33 2.79 20.81
N LYS C 43 20.07 1.57 20.35
CA LYS C 43 20.95 0.86 19.43
C LYS C 43 20.23 0.67 18.09
N GLY C 44 20.85 -0.10 17.19
CA GLY C 44 20.32 -0.28 15.85
C GLY C 44 19.44 -1.52 15.70
N LEU C 45 18.89 -1.66 14.49
CA LEU C 45 18.06 -2.80 14.14
C LEU C 45 18.91 -4.05 13.94
N GLU C 46 18.39 -5.18 14.39
CA GLU C 46 19.11 -6.44 14.25
C GLU C 46 18.09 -7.52 13.89
N TRP C 47 18.20 -8.05 12.68
CA TRP C 47 17.37 -9.16 12.26
C TRP C 47 17.67 -10.39 13.12
N VAL C 48 16.61 -11.07 13.56
CA VAL C 48 16.72 -12.19 14.48
C VAL C 48 16.41 -13.53 13.81
N ALA C 49 15.27 -13.66 13.13
CA ALA C 49 14.81 -14.96 12.69
C ALA C 49 13.69 -14.82 11.65
N VAL C 50 13.47 -15.91 10.89
CA VAL C 50 12.44 -15.98 9.85
C VAL C 50 11.78 -17.36 9.91
N ILE C 51 10.48 -17.39 9.59
CA ILE C 51 9.76 -18.64 9.40
C ILE C 51 9.05 -18.60 8.04
N TRP C 52 9.19 -19.67 7.26
CA TRP C 52 8.55 -19.73 5.94
C TRP C 52 7.04 -19.66 6.06
N TYR C 53 6.40 -19.38 4.92
CA TYR C 53 4.94 -19.28 4.89
C TYR C 53 4.28 -20.55 5.39
N ASP C 54 4.82 -21.72 5.04
CA ASP C 54 4.21 -22.96 5.46
C ASP C 54 4.80 -23.52 6.74
N GLY C 55 5.81 -22.86 7.30
CA GLY C 55 6.38 -23.30 8.55
C GLY C 55 7.51 -24.30 8.43
N SER C 56 7.92 -24.64 7.21
CA SER C 56 9.01 -25.60 7.02
C SER C 56 10.35 -24.99 7.39
N TYR C 57 10.81 -24.00 6.61
CA TYR C 57 12.14 -23.43 6.78
C TYR C 57 12.09 -22.39 7.90
N LYS C 58 13.03 -22.49 8.84
CA LYS C 58 13.25 -21.48 9.86
C LYS C 58 14.75 -21.22 9.93
N SER C 59 15.11 -20.01 10.39
CA SER C 59 16.51 -19.60 10.40
C SER C 59 16.67 -18.50 11.45
N TYR C 60 17.88 -18.45 12.04
CA TYR C 60 18.17 -17.59 13.18
C TYR C 60 19.57 -17.00 13.07
N ILE C 61 19.79 -15.86 13.74
CA ILE C 61 21.17 -15.46 13.98
C ILE C 61 21.78 -16.36 15.04
N GLU C 62 23.10 -16.47 15.00
CA GLU C 62 23.82 -17.41 15.86
C GLU C 62 23.64 -17.10 17.35
N SER C 63 23.52 -15.84 17.73
CA SER C 63 23.51 -15.50 19.15
C SER C 63 22.22 -15.89 19.85
N VAL C 64 21.19 -16.28 19.11
CA VAL C 64 19.96 -16.75 19.71
C VAL C 64 19.73 -18.23 19.44
N LYS C 65 20.61 -18.85 18.65
CA LYS C 65 20.42 -20.22 18.21
C LYS C 65 20.46 -21.15 19.41
N GLY C 66 19.44 -22.00 19.54
CA GLY C 66 19.33 -22.91 20.66
C GLY C 66 18.55 -22.37 21.84
N ARG C 67 18.38 -21.05 21.92
CA ARG C 67 17.55 -20.41 22.94
C ARG C 67 16.21 -19.94 22.40
N PHE C 68 16.17 -19.46 21.15
CA PHE C 68 14.96 -18.91 20.55
C PHE C 68 14.36 -19.90 19.55
N THR C 69 13.04 -19.92 19.49
CA THR C 69 12.32 -20.77 18.55
C THR C 69 11.19 -19.94 17.96
N ILE C 70 11.21 -19.75 16.64
CA ILE C 70 10.12 -19.07 15.94
C ILE C 70 9.13 -20.12 15.48
N SER C 71 7.84 -19.82 15.62
CA SER C 71 6.80 -20.71 15.11
C SER C 71 5.57 -19.88 14.77
N ARG C 72 4.58 -20.56 14.16
CA ARG C 72 3.36 -19.90 13.74
C ARG C 72 2.20 -20.86 13.89
N ASP C 73 1.01 -20.31 14.12
CA ASP C 73 -0.23 -21.09 14.02
C ASP C 73 -1.07 -20.40 12.95
N ASN C 74 -1.09 -20.98 11.75
CA ASN C 74 -1.78 -20.37 10.62
C ASN C 74 -3.28 -20.31 10.85
N SER C 75 -3.81 -21.16 11.71
CA SER C 75 -5.24 -21.15 12.04
C SER C 75 -5.61 -20.05 13.03
N LYS C 76 -4.66 -19.40 13.69
CA LYS C 76 -4.94 -18.25 14.54
C LYS C 76 -4.33 -16.97 14.00
N ASN C 77 -3.72 -17.03 12.82
CA ASN C 77 -2.98 -15.91 12.24
C ASN C 77 -2.02 -15.32 13.25
N THR C 78 -1.23 -16.18 13.89
CA THR C 78 -0.32 -15.73 14.94
C THR C 78 1.10 -16.23 14.67
N LEU C 79 2.06 -15.31 14.81
CA LEU C 79 3.48 -15.65 14.87
C LEU C 79 3.92 -15.68 16.33
N TYR C 80 4.84 -16.59 16.66
CA TYR C 80 5.34 -16.70 18.03
C TYR C 80 6.86 -16.67 18.03
N LEU C 81 7.43 -16.16 19.12
CA LEU C 81 8.87 -16.29 19.41
C LEU C 81 9.02 -16.77 20.85
N GLN C 82 9.45 -18.01 21.00
CA GLN C 82 9.72 -18.60 22.31
C GLN C 82 11.18 -18.28 22.66
N MET C 83 11.37 -17.56 23.76
CA MET C 83 12.67 -17.07 24.17
C MET C 83 13.08 -17.78 25.46
N ASN C 84 14.10 -18.62 25.40
CA ASN C 84 14.58 -19.28 26.60
C ASN C 84 15.94 -18.75 26.98
N SER C 85 16.32 -19.04 28.22
CA SER C 85 17.66 -18.71 28.72
C SER C 85 18.01 -17.26 28.37
N LEU C 86 17.08 -16.36 28.70
CA LEU C 86 17.24 -14.96 28.35
C LEU C 86 18.48 -14.36 29.02
N ARG C 87 19.15 -13.47 28.29
CA ARG C 87 20.33 -12.78 28.75
CA ARG C 87 20.33 -12.78 28.76
C ARG C 87 20.10 -11.28 28.72
N VAL C 88 20.94 -10.54 29.45
CA VAL C 88 20.70 -9.11 29.60
C VAL C 88 20.77 -8.41 28.24
N GLU C 89 21.68 -8.85 27.37
CA GLU C 89 21.78 -8.29 26.02
C GLU C 89 20.60 -8.66 25.14
N ASP C 90 19.70 -9.55 25.57
CA ASP C 90 18.48 -9.77 24.82
C ASP C 90 17.47 -8.65 25.01
N THR C 91 17.78 -7.66 25.86
CA THR C 91 16.86 -6.56 26.11
C THR C 91 16.70 -5.70 24.86
N ALA C 92 15.46 -5.53 24.41
CA ALA C 92 15.18 -4.87 23.13
C ALA C 92 13.69 -4.73 22.92
N VAL C 93 13.34 -3.85 21.98
CA VAL C 93 12.02 -3.86 21.34
C VAL C 93 12.02 -4.94 20.27
N TYR C 94 11.02 -5.83 20.31
CA TYR C 94 10.92 -6.90 19.32
C TYR C 94 9.78 -6.60 18.34
N TYR C 95 10.11 -6.57 17.05
CA TYR C 95 9.16 -6.33 15.97
C TYR C 95 8.91 -7.61 15.18
N CYS C 96 7.65 -7.89 14.84
CA CYS C 96 7.41 -8.83 13.75
C CYS C 96 7.34 -8.03 12.45
N ALA C 97 7.77 -8.65 11.35
CA ALA C 97 7.81 -7.96 10.07
C ALA C 97 7.58 -8.96 8.97
N LEU C 98 7.34 -8.44 7.76
CA LEU C 98 7.06 -9.28 6.60
C LEU C 98 7.23 -8.45 5.32
N GLY C 99 7.35 -9.14 4.18
CA GLY C 99 7.31 -8.44 2.90
C GLY C 99 6.00 -8.66 2.16
N TYR C 100 5.16 -7.62 2.06
CA TYR C 100 3.79 -7.79 1.57
C TYR C 100 3.69 -7.73 0.04
N SER C 101 4.13 -6.61 -0.56
CA SER C 101 4.10 -6.54 -2.02
C SER C 101 5.08 -7.53 -2.63
N SER C 102 6.19 -7.75 -1.95
CA SER C 102 7.16 -8.79 -2.27
C SER C 102 7.86 -9.20 -1.00
N GLY C 103 8.12 -10.49 -0.85
CA GLY C 103 8.83 -10.97 0.33
C GLY C 103 10.29 -11.25 0.06
N GLN C 104 10.71 -11.11 -1.20
CA GLN C 104 12.07 -11.47 -1.60
C GLN C 104 13.06 -10.36 -1.24
N GLY C 105 13.91 -10.64 -0.26
CA GLY C 105 15.03 -9.76 0.05
C GLY C 105 14.67 -8.42 0.66
N THR C 106 13.49 -8.29 1.26
CA THR C 106 13.04 -7.01 1.75
C THR C 106 11.97 -7.21 2.81
N LEU C 107 11.73 -6.16 3.59
CA LEU C 107 10.68 -6.09 4.59
C LEU C 107 9.88 -4.82 4.37
N ASP C 108 8.57 -4.94 4.57
CA ASP C 108 7.55 -4.05 4.06
C ASP C 108 6.63 -3.47 5.12
N ASN C 109 6.30 -4.27 6.14
CA ASN C 109 5.32 -3.93 7.16
C ASN C 109 5.84 -4.44 8.50
N TRP C 110 5.68 -3.63 9.54
CA TRP C 110 6.20 -3.95 10.86
C TRP C 110 5.09 -3.74 11.88
N GLY C 111 5.18 -4.46 13.00
CA GLY C 111 4.35 -4.14 14.13
C GLY C 111 4.85 -2.89 14.83
N GLN C 112 4.15 -2.52 15.90
CA GLN C 112 4.59 -1.39 16.72
C GLN C 112 5.72 -1.76 17.66
N GLY C 113 5.96 -3.05 17.88
CA GLY C 113 7.04 -3.48 18.75
C GLY C 113 6.56 -3.71 20.18
N THR C 114 7.18 -4.69 20.84
CA THR C 114 6.95 -4.96 22.25
C THR C 114 8.30 -5.05 22.94
N LEU C 115 8.42 -4.37 24.09
CA LEU C 115 9.68 -4.26 24.82
C LEU C 115 9.88 -5.44 25.77
N VAL C 116 11.05 -6.06 25.70
CA VAL C 116 11.47 -7.12 26.61
C VAL C 116 12.63 -6.59 27.44
N THR C 117 12.42 -6.46 28.75
CA THR C 117 13.44 -5.97 29.67
C THR C 117 13.96 -7.17 30.46
N VAL C 118 15.20 -7.56 30.20
CA VAL C 118 15.84 -8.64 30.93
C VAL C 118 16.56 -8.01 32.12
N SER C 119 16.04 -8.23 33.32
CA SER C 119 16.52 -7.51 34.49
C SER C 119 16.01 -8.19 35.74
N SER C 120 16.77 -8.06 36.83
CA SER C 120 16.36 -8.54 38.13
C SER C 120 15.44 -7.57 38.88
N ALA C 121 15.36 -6.32 38.43
CA ALA C 121 14.60 -5.29 39.14
C ALA C 121 13.09 -5.55 39.07
N SER C 122 12.36 -5.05 40.06
CA SER C 122 10.93 -5.29 40.21
C SER C 122 10.13 -4.15 39.57
N THR C 123 8.99 -4.50 38.98
CA THR C 123 8.08 -3.50 38.44
C THR C 123 7.58 -2.57 39.55
N LYS C 124 7.42 -1.30 39.22
CA LYS C 124 6.98 -0.30 40.20
C LYS C 124 6.33 0.88 39.48
N GLY C 125 5.15 1.28 39.95
CA GLY C 125 4.41 2.34 39.32
C GLY C 125 4.87 3.72 39.76
N PRO C 126 4.71 4.71 38.89
CA PRO C 126 5.23 6.05 39.19
C PRO C 126 4.33 6.85 40.13
N SER C 127 4.97 7.80 40.81
CA SER C 127 4.26 8.91 41.43
C SER C 127 4.22 10.07 40.43
N VAL C 128 3.11 10.79 40.39
CA VAL C 128 2.96 11.94 39.49
C VAL C 128 2.78 13.19 40.34
N PHE C 129 3.60 14.21 40.07
CA PHE C 129 3.59 15.47 40.80
C PHE C 129 3.43 16.65 39.84
N PRO C 130 2.79 17.72 40.30
CA PRO C 130 2.60 18.87 39.41
C PRO C 130 3.86 19.72 39.27
N LEU C 131 4.11 20.16 38.05
CA LEU C 131 5.02 21.28 37.76
C LEU C 131 4.12 22.48 37.48
N ALA C 132 3.91 23.31 38.49
CA ALA C 132 2.86 24.34 38.46
C ALA C 132 3.38 25.62 37.81
N PRO C 133 2.58 26.24 36.94
CA PRO C 133 3.04 27.44 36.25
C PRO C 133 3.42 28.56 37.22
N SER C 134 4.44 29.31 36.85
CA SER C 134 4.98 30.38 37.67
C SER C 134 4.00 31.55 37.80
N SER C 135 4.27 32.39 38.81
CA SER C 135 3.56 33.65 39.05
C SER C 135 4.26 34.84 38.39
N LYS C 136 4.82 34.67 37.20
CA LYS C 136 5.47 35.77 36.49
C LYS C 136 5.24 35.68 34.98
N GLY C 141 2.09 37.04 27.29
CA GLY C 141 3.25 36.18 27.40
C GLY C 141 2.92 34.70 27.44
N THR C 142 3.96 33.88 27.62
CA THR C 142 3.85 32.42 27.59
C THR C 142 4.23 31.82 28.94
N ALA C 143 3.46 30.82 29.37
CA ALA C 143 3.73 30.15 30.62
C ALA C 143 4.02 28.68 30.35
N ALA C 144 4.77 28.05 31.24
CA ALA C 144 5.08 26.63 31.13
C ALA C 144 4.52 25.89 32.33
N LEU C 145 4.07 24.67 32.11
CA LEU C 145 3.58 23.82 33.18
C LEU C 145 3.74 22.38 32.75
N GLY C 146 3.67 21.47 33.71
CA GLY C 146 3.86 20.09 33.35
C GLY C 146 3.65 19.16 34.53
N CYS C 147 4.00 17.89 34.30
CA CYS C 147 3.95 16.93 35.38
CA CYS C 147 3.89 16.82 35.29
C CYS C 147 5.22 16.09 35.39
N LEU C 148 5.63 15.75 36.60
CA LEU C 148 6.85 14.99 36.82
C LEU C 148 6.47 13.56 37.19
N VAL C 149 6.94 12.60 36.40
CA VAL C 149 6.55 11.21 36.53
C VAL C 149 7.75 10.46 37.10
N LYS C 150 7.73 10.22 38.41
CA LYS C 150 8.93 9.86 39.13
C LYS C 150 8.88 8.43 39.69
N ASP C 151 10.01 7.72 39.57
CA ASP C 151 10.28 6.50 40.31
C ASP C 151 9.45 5.30 39.84
N TYR C 152 9.67 4.84 38.62
CA TYR C 152 8.95 3.71 38.05
C TYR C 152 9.94 2.80 37.32
N PHE C 153 9.48 1.60 37.01
CA PHE C 153 10.24 0.58 36.29
C PHE C 153 9.24 -0.50 35.89
N PRO C 154 9.34 -1.05 34.67
CA PRO C 154 10.29 -0.68 33.62
C PRO C 154 9.73 0.45 32.77
N GLU C 155 10.43 0.79 31.69
CA GLU C 155 9.85 1.60 30.65
C GLU C 155 8.73 0.81 29.95
N PRO C 156 7.79 1.47 29.27
CA PRO C 156 7.66 2.91 29.06
C PRO C 156 6.47 3.50 29.82
N VAL C 157 6.41 4.83 29.90
CA VAL C 157 5.20 5.53 30.27
C VAL C 157 4.77 6.37 29.07
N THR C 158 3.47 6.58 28.94
CA THR C 158 2.94 7.56 28.02
C THR C 158 2.32 8.70 28.79
N VAL C 159 2.42 9.90 28.24
CA VAL C 159 1.80 11.08 28.80
C VAL C 159 1.07 11.81 27.67
N SER C 160 -0.21 12.08 27.87
CA SER C 160 -0.92 12.96 26.97
C SER C 160 -1.48 14.12 27.78
N TRP C 161 -2.03 15.10 27.08
CA TRP C 161 -2.58 16.27 27.74
C TRP C 161 -4.02 16.47 27.29
N ASN C 162 -4.89 16.74 28.26
CA ASN C 162 -6.33 16.88 28.04
C ASN C 162 -6.83 15.81 27.10
N SER C 163 -6.36 14.57 27.30
CA SER C 163 -6.82 13.40 26.56
C SER C 163 -6.47 13.49 25.08
N GLY C 164 -5.27 13.98 24.78
CA GLY C 164 -4.83 14.12 23.40
C GLY C 164 -5.27 15.39 22.70
N ALA C 165 -6.14 16.19 23.30
CA ALA C 165 -6.66 17.39 22.68
C ALA C 165 -5.75 18.61 22.87
N LEU C 166 -4.65 18.44 23.61
CA LEU C 166 -3.61 19.45 23.71
C LEU C 166 -2.29 18.79 23.31
N THR C 167 -1.80 19.11 22.12
CA THR C 167 -0.55 18.59 21.59
C THR C 167 0.44 19.67 21.18
N SER C 168 -0.03 20.87 20.79
CA SER C 168 0.89 21.96 20.44
C SER C 168 1.68 22.44 21.66
N GLY C 169 3.01 22.45 21.52
CA GLY C 169 3.89 22.86 22.59
C GLY C 169 4.22 21.80 23.63
N VAL C 170 3.76 20.57 23.45
CA VAL C 170 4.01 19.50 24.43
C VAL C 170 5.38 18.90 24.19
N HIS C 171 6.20 18.84 25.23
CA HIS C 171 7.44 18.06 25.20
C HIS C 171 7.41 17.04 26.32
N THR C 172 7.43 15.76 25.96
CA THR C 172 7.61 14.70 26.95
C THR C 172 9.04 14.20 26.82
N PHE C 173 9.81 14.36 27.89
CA PHE C 173 11.24 14.08 27.84
C PHE C 173 11.57 12.58 27.92
N PRO C 174 12.65 12.14 27.28
CA PRO C 174 13.14 10.77 27.47
C PRO C 174 13.33 10.48 28.95
N ALA C 175 12.91 9.28 29.36
CA ALA C 175 13.14 8.82 30.71
C ALA C 175 14.63 8.86 31.02
N VAL C 176 14.94 9.13 32.29
CA VAL C 176 16.29 9.07 32.81
C VAL C 176 16.34 8.00 33.89
N LEU C 177 17.39 7.21 33.89
CA LEU C 177 17.58 6.20 34.94
C LEU C 177 18.35 6.83 36.09
N GLN C 178 17.73 6.87 37.26
CA GLN C 178 18.34 7.44 38.45
C GLN C 178 19.28 6.43 39.12
N SER C 179 20.03 6.93 40.12
CA SER C 179 20.92 6.08 40.89
C SER C 179 20.18 4.91 41.56
N SER C 180 18.90 5.10 41.85
CA SER C 180 18.11 4.06 42.51
C SER C 180 17.80 2.88 41.59
N GLY C 181 17.97 3.03 40.28
CA GLY C 181 17.54 2.02 39.34
C GLY C 181 16.12 2.17 38.86
N LEU C 182 15.42 3.23 39.27
CA LEU C 182 14.11 3.58 38.76
C LEU C 182 14.24 4.77 37.83
N TYR C 183 13.25 4.91 36.96
CA TYR C 183 13.21 5.94 35.93
C TYR C 183 12.43 7.15 36.42
N SER C 184 12.67 8.27 35.75
CA SER C 184 11.89 9.47 35.96
C SER C 184 11.87 10.28 34.68
N LEU C 185 10.75 10.94 34.41
CA LEU C 185 10.64 11.87 33.30
C LEU C 185 9.69 12.99 33.67
N SER C 186 9.73 14.05 32.86
CA SER C 186 8.80 15.17 32.93
C SER C 186 8.12 15.31 31.58
N SER C 187 6.87 15.75 31.60
CA SER C 187 6.17 16.22 30.41
C SER C 187 5.76 17.66 30.66
N VAL C 188 6.01 18.53 29.69
CA VAL C 188 5.76 19.96 29.87
C VAL C 188 4.98 20.48 28.67
N VAL C 189 4.35 21.63 28.87
CA VAL C 189 3.60 22.27 27.80
C VAL C 189 3.68 23.77 28.02
N THR C 190 3.83 24.51 26.93
CA THR C 190 3.78 25.95 26.96
C THR C 190 2.42 26.41 26.44
N VAL C 191 1.86 27.41 27.10
CA VAL C 191 0.50 27.86 26.84
C VAL C 191 0.46 29.37 26.99
N PRO C 192 -0.57 30.02 26.46
CA PRO C 192 -0.73 31.46 26.73
C PRO C 192 -0.93 31.70 28.21
N SER C 193 -0.21 32.69 28.75
CA SER C 193 -0.35 33.05 30.16
C SER C 193 -1.78 33.45 30.49
N SER C 194 -2.46 34.14 29.57
CA SER C 194 -3.83 34.57 29.86
C SER C 194 -4.83 33.42 29.94
N SER C 195 -4.47 32.23 29.44
CA SER C 195 -5.38 31.08 29.51
C SER C 195 -5.31 30.31 30.82
N LEU C 196 -4.48 30.74 31.78
CA LEU C 196 -4.20 29.92 32.95
C LEU C 196 -5.40 29.84 33.89
N GLY C 197 -6.11 30.94 34.10
CA GLY C 197 -7.23 30.89 35.01
C GLY C 197 -8.56 30.47 34.43
N THR C 198 -8.60 30.13 33.14
CA THR C 198 -9.82 29.69 32.48
C THR C 198 -9.70 28.32 31.85
N GLN C 199 -8.51 27.95 31.38
CA GLN C 199 -8.30 26.68 30.70
C GLN C 199 -7.81 25.62 31.69
N THR C 200 -8.43 24.45 31.64
CA THR C 200 -8.05 23.33 32.48
C THR C 200 -6.96 22.54 31.78
N TYR C 201 -5.88 22.24 32.49
CA TYR C 201 -4.76 21.49 31.95
C TYR C 201 -4.59 20.22 32.78
N ILE C 202 -4.82 19.07 32.15
CA ILE C 202 -4.76 17.78 32.82
C ILE C 202 -3.77 16.91 32.08
N CYS C 203 -2.75 16.43 32.79
CA CYS C 203 -1.86 15.45 32.19
C CYS C 203 -2.35 14.04 32.53
N ASN C 204 -2.31 13.17 31.52
CA ASN C 204 -2.82 11.80 31.61
C ASN C 204 -1.63 10.85 31.51
N VAL C 205 -1.33 10.16 32.61
CA VAL C 205 -0.16 9.30 32.70
C VAL C 205 -0.61 7.85 32.69
N ASN C 206 0.03 7.02 31.86
CA ASN C 206 -0.25 5.59 31.80
C ASN C 206 1.08 4.83 31.86
N HIS C 207 1.23 3.99 32.88
CA HIS C 207 2.35 3.05 32.99
C HIS C 207 1.72 1.66 32.98
N LYS C 208 1.57 1.10 31.78
CA LYS C 208 0.90 -0.18 31.66
C LYS C 208 1.63 -1.34 32.34
N PRO C 209 2.97 -1.40 32.43
CA PRO C 209 3.59 -2.52 33.15
C PRO C 209 3.12 -2.66 34.59
N SER C 210 2.64 -1.59 35.23
CA SER C 210 2.10 -1.68 36.58
C SER C 210 0.62 -1.34 36.63
N ASN C 211 -0.07 -1.28 35.48
CA ASN C 211 -1.47 -0.88 35.43
CA ASN C 211 -1.47 -0.85 35.39
C ASN C 211 -1.73 0.38 36.24
N THR C 212 -0.95 1.44 35.98
CA THR C 212 -1.04 2.68 36.73
C THR C 212 -1.45 3.80 35.79
N LYS C 213 -2.66 4.29 35.97
CA LYS C 213 -3.24 5.33 35.14
C LYS C 213 -3.61 6.50 36.05
N VAL C 214 -3.10 7.69 35.75
CA VAL C 214 -3.30 8.87 36.58
C VAL C 214 -3.67 10.07 35.69
N ASP C 215 -4.70 10.79 36.08
CA ASP C 215 -5.07 12.08 35.49
C ASP C 215 -4.84 13.15 36.55
N LYS C 216 -3.89 14.06 36.31
CA LYS C 216 -3.53 15.11 37.26
C LYS C 216 -3.81 16.47 36.65
N LYS C 217 -4.74 17.21 37.25
CA LYS C 217 -4.95 18.59 36.86
C LYS C 217 -3.86 19.46 37.46
N VAL C 218 -3.20 20.26 36.62
CA VAL C 218 -2.09 21.11 37.00
C VAL C 218 -2.57 22.55 36.97
N GLU C 219 -2.40 23.25 38.08
CA GLU C 219 -2.93 24.60 38.20
C GLU C 219 -1.91 25.45 38.94
N PRO C 220 -1.95 26.77 38.72
CA PRO C 220 -0.98 27.65 39.41
C PRO C 220 -1.26 27.64 40.91
N LYS C 221 -0.19 27.50 41.70
CA LYS C 221 -0.32 27.57 43.16
C LYS C 221 -0.44 29.02 43.60
N ASP D 1 28.31 -14.44 8.14
CA ASP D 1 27.32 -13.38 8.28
C ASP D 1 27.83 -12.13 7.57
N VAL D 2 26.97 -11.56 6.73
CA VAL D 2 27.37 -10.39 5.94
C VAL D 2 27.37 -9.18 6.84
N VAL D 3 28.53 -8.53 6.96
CA VAL D 3 28.66 -7.31 7.75
C VAL D 3 28.44 -6.11 6.85
N MET D 4 27.40 -5.33 7.15
CA MET D 4 27.16 -4.07 6.48
C MET D 4 27.79 -2.94 7.29
N THR D 5 28.70 -2.20 6.66
CA THR D 5 29.45 -1.12 7.30
C THR D 5 28.91 0.19 6.75
N GLN D 6 28.28 0.95 7.62
CA GLN D 6 27.51 2.12 7.25
C GLN D 6 28.22 3.36 7.77
N SER D 7 28.31 4.40 6.95
CA SER D 7 29.02 5.61 7.35
C SER D 7 28.41 6.83 6.67
N PRO D 8 28.51 8.02 7.30
CA PRO D 8 29.09 8.24 8.62
C PRO D 8 28.13 7.75 9.69
N LEU D 9 28.53 7.71 10.97
CA LEU D 9 27.57 7.24 11.96
C LEU D 9 26.60 8.36 12.36
N SER D 10 27.02 9.61 12.25
CA SER D 10 26.09 10.71 12.38
C SER D 10 26.40 11.76 11.31
N LEU D 11 25.38 12.55 11.01
CA LEU D 11 25.43 13.49 9.91
C LEU D 11 24.63 14.71 10.33
N ALA D 12 25.22 15.89 10.12
CA ALA D 12 24.60 17.16 10.47
C ALA D 12 24.55 18.02 9.20
N VAL D 13 23.36 18.21 8.66
CA VAL D 13 23.15 18.88 7.38
C VAL D 13 22.28 20.09 7.61
N THR D 14 22.65 21.23 7.01
CA THR D 14 21.81 22.41 7.11
C THR D 14 20.65 22.31 6.11
N LEU D 15 19.49 22.78 6.54
CA LEU D 15 18.27 22.76 5.73
C LEU D 15 18.52 23.18 4.29
N GLY D 16 18.02 22.39 3.35
CA GLY D 16 18.19 22.68 1.94
C GLY D 16 19.42 22.07 1.29
N GLN D 17 20.42 21.72 2.05
CA GLN D 17 21.64 21.17 1.47
C GLN D 17 21.53 19.66 1.26
N PRO D 18 22.34 19.10 0.37
CA PRO D 18 22.33 17.65 0.16
C PRO D 18 22.95 16.89 1.33
N ALA D 19 22.57 15.62 1.43
CA ALA D 19 23.03 14.68 2.44
C ALA D 19 23.23 13.30 1.80
N SER D 20 24.29 12.60 2.22
CA SER D 20 24.66 11.33 1.60
C SER D 20 25.08 10.34 2.67
N ILE D 21 24.50 9.15 2.64
CA ILE D 21 24.76 8.10 3.63
C ILE D 21 25.20 6.85 2.90
N SER D 22 26.35 6.31 3.27
CA SER D 22 26.90 5.18 2.54
C SER D 22 26.88 3.92 3.38
N CYS D 23 26.95 2.79 2.69
CA CYS D 23 26.98 1.48 3.34
CA CYS D 23 27.08 1.51 3.35
C CYS D 23 27.72 0.54 2.37
N ARG D 24 28.57 -0.33 2.90
CA ARG D 24 29.27 -1.30 2.07
C ARG D 24 29.22 -2.67 2.73
N SER D 25 29.46 -3.69 1.91
CA SER D 25 29.17 -5.07 2.23
C SER D 25 30.42 -5.91 2.11
N THR D 26 30.58 -6.89 3.03
CA THR D 26 31.74 -7.77 2.96
C THR D 26 31.61 -8.81 1.86
N GLN D 27 30.41 -9.05 1.35
CA GLN D 27 30.17 -10.00 0.27
C GLN D 27 29.29 -9.37 -0.77
N SER D 28 29.43 -9.83 -2.02
CA SER D 28 28.54 -9.42 -3.09
C SER D 28 27.09 -9.65 -2.69
N LEU D 29 26.24 -8.68 -2.99
CA LEU D 29 24.81 -8.75 -2.72
C LEU D 29 24.00 -9.08 -3.96
N VAL D 30 24.65 -9.51 -5.04
CA VAL D 30 23.94 -9.89 -6.26
C VAL D 30 23.40 -11.30 -6.09
N TYR D 31 22.10 -11.47 -6.32
CA TYR D 31 21.42 -12.74 -6.18
C TYR D 31 21.39 -13.45 -7.53
N SER D 32 20.98 -14.71 -7.50
CA SER D 32 21.05 -15.52 -8.71
C SER D 32 20.09 -15.05 -9.79
N ASP D 33 19.11 -14.20 -9.45
CA ASP D 33 18.21 -13.62 -10.44
C ASP D 33 18.75 -12.31 -11.00
N GLY D 34 20.00 -11.97 -10.72
CA GLY D 34 20.60 -10.74 -11.17
C GLY D 34 20.34 -9.51 -10.33
N ASN D 35 19.40 -9.56 -9.38
CA ASN D 35 19.09 -8.36 -8.60
C ASN D 35 20.06 -8.23 -7.41
N THR D 36 20.13 -7.01 -6.89
CA THR D 36 20.91 -6.69 -5.69
C THR D 36 19.95 -6.26 -4.59
N TYR D 37 19.86 -7.05 -3.52
CA TYR D 37 18.83 -6.82 -2.51
C TYR D 37 19.38 -5.93 -1.39
N LEU D 38 19.53 -4.66 -1.73
CA LEU D 38 19.93 -3.66 -0.75
C LEU D 38 18.78 -2.70 -0.49
N ASN D 39 18.36 -2.61 0.77
CA ASN D 39 17.27 -1.76 1.21
C ASN D 39 17.76 -0.64 2.11
N TRP D 40 17.04 0.47 2.10
CA TRP D 40 17.23 1.56 3.05
C TRP D 40 15.94 1.81 3.83
N PHE D 41 16.07 2.02 5.14
CA PHE D 41 14.95 2.30 6.02
C PHE D 41 15.19 3.60 6.77
N GLN D 42 14.10 4.30 7.05
CA GLN D 42 14.12 5.49 7.88
C GLN D 42 13.38 5.19 9.18
N GLN D 43 13.92 5.67 10.31
CA GLN D 43 13.25 5.44 11.58
C GLN D 43 13.29 6.69 12.44
N ARG D 44 12.15 7.18 12.77
CA ARG D 44 11.82 8.28 13.65
C ARG D 44 11.58 7.77 15.06
N PRO D 45 11.92 8.58 16.06
CA PRO D 45 11.85 8.13 17.45
C PRO D 45 10.52 7.48 17.81
N GLY D 46 10.59 6.30 18.42
CA GLY D 46 9.40 5.61 18.88
C GLY D 46 8.49 5.06 17.78
N GLN D 47 8.99 4.94 16.56
CA GLN D 47 8.22 4.49 15.42
C GLN D 47 8.89 3.28 14.78
N SER D 48 8.09 2.42 14.17
CA SER D 48 8.66 1.31 13.42
C SER D 48 9.39 1.84 12.19
N PRO D 49 10.35 1.08 11.68
CA PRO D 49 11.09 1.55 10.50
C PRO D 49 10.19 1.62 9.29
N ARG D 50 10.58 2.49 8.36
CA ARG D 50 9.79 2.79 7.17
C ARG D 50 10.73 2.64 5.98
N ARG D 51 10.37 1.77 5.03
CA ARG D 51 11.26 1.48 3.92
C ARG D 51 11.28 2.68 2.97
N LEU D 52 12.48 3.09 2.58
CA LEU D 52 12.66 4.16 1.60
C LEU D 52 13.03 3.63 0.23
N ILE D 53 13.92 2.65 0.20
CA ILE D 53 14.51 2.13 -1.03
C ILE D 53 14.54 0.62 -0.92
N TYR D 54 14.22 -0.07 -2.03
CA TYR D 54 14.48 -1.49 -2.16
C TYR D 54 15.28 -1.71 -3.44
N LYS D 55 16.05 -2.81 -3.45
CA LYS D 55 16.94 -3.18 -4.54
C LYS D 55 17.72 -1.97 -5.06
N VAL D 56 18.47 -1.37 -4.12
CA VAL D 56 19.47 -0.34 -4.41
C VAL D 56 18.87 1.03 -4.72
N SER D 57 17.92 1.08 -5.65
CA SER D 57 17.54 2.35 -6.25
C SER D 57 16.04 2.59 -6.41
N ASN D 58 15.18 1.66 -5.98
CA ASN D 58 13.74 1.78 -6.22
C ASN D 58 13.08 2.49 -5.05
N ARG D 59 12.54 3.67 -5.32
CA ARG D 59 11.82 4.42 -4.31
C ARG D 59 10.50 3.72 -3.98
N ASP D 60 10.19 3.66 -2.69
CA ASP D 60 8.90 3.13 -2.25
C ASP D 60 7.81 4.17 -2.46
N SER D 61 6.58 3.71 -2.56
CA SER D 61 5.45 4.61 -2.75
C SER D 61 5.39 5.66 -1.63
N GLY D 62 5.13 6.91 -2.01
CA GLY D 62 5.06 8.01 -1.06
C GLY D 62 6.39 8.61 -0.63
N VAL D 63 7.51 7.95 -0.92
CA VAL D 63 8.80 8.54 -0.61
C VAL D 63 9.10 9.65 -1.61
N PRO D 64 9.54 10.83 -1.16
CA PRO D 64 9.67 11.98 -2.07
C PRO D 64 10.88 11.88 -3.00
N ASP D 65 10.74 12.60 -4.12
CA ASP D 65 11.75 12.71 -5.18
C ASP D 65 13.16 12.95 -4.66
N ARG D 66 13.29 13.65 -3.52
CA ARG D 66 14.59 14.07 -3.05
C ARG D 66 15.42 12.91 -2.54
N PHE D 67 14.78 11.76 -2.32
CA PHE D 67 15.47 10.55 -1.92
C PHE D 67 15.80 9.75 -3.17
N SER D 68 17.03 9.25 -3.23
CA SER D 68 17.40 8.37 -4.31
C SER D 68 18.47 7.42 -3.78
N GLY D 69 18.54 6.25 -4.40
CA GLY D 69 19.52 5.24 -4.03
C GLY D 69 20.34 4.85 -5.25
N SER D 70 21.60 4.56 -5.01
CA SER D 70 22.49 4.22 -6.10
C SER D 70 23.63 3.38 -5.53
N GLU D 71 24.44 2.86 -6.45
CA GLU D 71 25.53 1.96 -6.13
C GLU D 71 26.74 2.40 -6.93
N SER D 72 27.93 2.29 -6.34
CA SER D 72 29.17 2.66 -7.01
C SER D 72 30.31 1.86 -6.41
N GLY D 73 30.99 1.06 -7.24
CA GLY D 73 32.00 0.15 -6.71
C GLY D 73 31.34 -0.89 -5.84
N THR D 74 31.80 -1.02 -4.59
CA THR D 74 31.15 -1.85 -3.58
C THR D 74 30.33 -1.02 -2.57
N ASP D 75 30.13 0.26 -2.85
CA ASP D 75 29.43 1.17 -1.95
C ASP D 75 28.02 1.42 -2.44
N PHE D 76 27.07 1.41 -1.51
CA PHE D 76 25.70 1.83 -1.79
C PHE D 76 25.45 3.13 -1.06
N THR D 77 24.73 4.04 -1.71
CA THR D 77 24.57 5.39 -1.21
C THR D 77 23.09 5.75 -1.24
N LEU D 78 22.60 6.24 -0.11
CA LEU D 78 21.31 6.91 -0.03
C LEU D 78 21.59 8.41 -0.04
N LYS D 79 20.92 9.13 -0.95
CA LYS D 79 21.13 10.56 -1.11
C LYS D 79 19.81 11.31 -0.95
N ILE D 80 19.84 12.41 -0.21
CA ILE D 80 18.73 13.35 -0.09
C ILE D 80 19.19 14.63 -0.77
N SER D 81 18.57 14.98 -1.90
CA SER D 81 19.09 16.10 -2.69
C SER D 81 19.04 17.40 -1.89
N ARG D 82 17.91 17.67 -1.23
CA ARG D 82 17.76 18.89 -0.44
C ARG D 82 17.01 18.51 0.83
N VAL D 83 17.65 18.65 1.96
CA VAL D 83 17.14 18.02 3.16
C VAL D 83 16.11 18.93 3.81
N GLU D 84 15.03 18.32 4.31
CA GLU D 84 13.92 19.02 4.92
CA GLU D 84 13.90 19.01 4.92
C GLU D 84 13.86 18.67 6.41
N ALA D 85 13.10 19.48 7.14
CA ALA D 85 13.02 19.30 8.60
C ALA D 85 12.54 17.89 8.97
N GLU D 86 11.60 17.33 8.20
CA GLU D 86 11.02 16.04 8.51
CA GLU D 86 11.04 16.04 8.57
C GLU D 86 11.99 14.87 8.30
N ASP D 87 13.17 15.13 7.72
CA ASP D 87 14.16 14.11 7.43
C ASP D 87 15.05 13.77 8.63
N VAL D 88 14.89 14.45 9.77
CA VAL D 88 15.62 14.08 10.98
C VAL D 88 15.25 12.65 11.39
N GLY D 89 16.23 11.89 11.79
CA GLY D 89 15.97 10.55 12.26
C GLY D 89 17.15 9.63 11.98
N LEU D 90 16.86 8.34 12.12
CA LEU D 90 17.84 7.29 11.92
C LEU D 90 17.61 6.59 10.59
N TYR D 91 18.69 6.16 9.94
CA TYR D 91 18.66 5.54 8.62
C TYR D 91 19.49 4.28 8.64
N TYR D 92 18.93 3.19 8.09
CA TYR D 92 19.59 1.89 8.12
C TYR D 92 19.59 1.28 6.74
N CYS D 93 20.71 0.70 6.34
CA CYS D 93 20.71 -0.19 5.20
C CYS D 93 20.42 -1.62 5.68
N MET D 94 19.95 -2.45 4.75
CA MET D 94 19.73 -3.85 5.05
C MET D 94 19.95 -4.67 3.79
N GLN D 95 20.80 -5.68 3.89
CA GLN D 95 20.94 -6.67 2.84
C GLN D 95 19.96 -7.82 3.08
N GLY D 96 19.24 -8.20 2.03
CA GLY D 96 18.37 -9.35 2.06
C GLY D 96 18.78 -10.39 1.02
N THR D 97 20.08 -10.46 0.72
CA THR D 97 20.56 -11.44 -0.24
C THR D 97 20.96 -12.76 0.43
N HIS D 98 21.66 -12.68 1.56
CA HIS D 98 22.19 -13.83 2.25
C HIS D 98 21.55 -13.95 3.63
N TRP D 99 21.21 -15.18 4.01
CA TRP D 99 20.80 -15.45 5.38
C TRP D 99 22.04 -15.57 6.28
N PRO D 100 22.02 -14.95 7.47
CA PRO D 100 20.99 -14.04 8.01
C PRO D 100 20.98 -12.67 7.34
N TRP D 101 19.80 -12.10 7.07
CA TRP D 101 19.72 -10.72 6.65
C TRP D 101 20.35 -9.83 7.71
N THR D 102 20.97 -8.73 7.29
CA THR D 102 21.70 -7.90 8.25
C THR D 102 21.54 -6.42 7.94
N PHE D 103 21.51 -5.62 9.00
CA PHE D 103 21.39 -4.17 8.95
C PHE D 103 22.77 -3.55 9.17
N GLY D 104 22.94 -2.35 8.63
CA GLY D 104 24.03 -1.51 9.04
C GLY D 104 23.77 -0.93 10.42
N GLN D 105 24.83 -0.48 11.07
CA GLN D 105 24.66 -0.02 12.44
C GLN D 105 23.83 1.26 12.55
N GLY D 106 23.58 1.97 11.45
CA GLY D 106 22.70 3.13 11.51
C GLY D 106 23.43 4.45 11.34
N THR D 107 22.72 5.45 10.81
CA THR D 107 23.21 6.81 10.68
C THR D 107 22.14 7.72 11.23
N LYS D 108 22.52 8.62 12.14
CA LYS D 108 21.62 9.62 12.71
C LYS D 108 21.81 10.93 11.97
N VAL D 109 20.71 11.49 11.47
CA VAL D 109 20.76 12.69 10.64
C VAL D 109 20.21 13.85 11.46
N GLU D 110 21.07 14.84 11.73
CA GLU D 110 20.70 16.07 12.42
C GLU D 110 20.52 17.20 11.41
N ILE D 111 19.47 17.99 11.58
CA ILE D 111 19.25 19.17 10.75
C ILE D 111 19.86 20.39 11.45
N LYS D 112 20.85 21.02 10.81
CA LYS D 112 21.32 22.31 11.31
C LYS D 112 20.45 23.44 10.78
N ARG D 113 19.98 24.29 11.70
CA ARG D 113 19.14 25.44 11.37
C ARG D 113 19.76 26.70 11.93
N THR D 114 19.03 27.82 11.89
CA THR D 114 19.52 29.03 12.53
C THR D 114 19.47 28.89 14.05
N VAL D 115 20.35 29.66 14.70
CA VAL D 115 20.46 29.64 16.16
C VAL D 115 19.18 30.15 16.77
N ALA D 116 18.70 29.46 17.81
CA ALA D 116 17.49 29.87 18.53
C ALA D 116 17.74 29.75 20.02
N ALA D 117 17.60 30.85 20.73
CA ALA D 117 17.81 30.84 22.16
C ALA D 117 16.68 30.08 22.85
N PRO D 118 16.98 29.33 23.93
CA PRO D 118 15.91 28.75 24.75
C PRO D 118 15.19 29.81 25.55
N SER D 119 13.89 29.62 25.73
CA SER D 119 13.20 30.21 26.86
C SER D 119 13.30 29.27 28.05
N VAL D 120 13.42 29.84 29.25
CA VAL D 120 13.87 29.10 30.43
C VAL D 120 12.85 29.24 31.54
N PHE D 121 12.50 28.11 32.17
CA PHE D 121 11.53 28.03 33.25
C PHE D 121 12.09 27.17 34.37
N ILE D 122 11.86 27.59 35.62
CA ILE D 122 12.23 26.82 36.80
C ILE D 122 10.96 26.46 37.56
N PHE D 123 10.94 25.27 38.16
CA PHE D 123 9.78 24.76 38.89
C PHE D 123 10.23 24.27 40.27
N PRO D 124 9.68 24.80 41.36
CA PRO D 124 9.96 24.24 42.68
C PRO D 124 9.37 22.85 42.84
N PRO D 125 9.86 22.08 43.81
CA PRO D 125 9.21 20.80 44.11
C PRO D 125 7.83 21.01 44.70
N SER D 126 6.89 20.15 44.29
CA SER D 126 5.53 20.25 44.80
C SER D 126 5.49 19.91 46.29
N ASP D 127 4.43 20.39 46.96
CA ASP D 127 4.22 19.99 48.35
C ASP D 127 3.88 18.52 48.45
N GLU D 128 3.20 17.97 47.43
CA GLU D 128 2.86 16.55 47.46
C GLU D 128 4.11 15.68 47.48
N GLN D 129 5.14 16.05 46.70
CA GLN D 129 6.40 15.32 46.74
C GLN D 129 7.14 15.54 48.05
N LEU D 130 7.12 16.79 48.54
CA LEU D 130 7.85 17.11 49.77
C LEU D 130 7.40 16.23 50.93
N LYS D 131 6.11 15.91 51.01
CA LYS D 131 5.65 15.05 52.09
C LYS D 131 6.25 13.64 51.99
N SER D 132 6.78 13.26 50.82
CA SER D 132 7.39 11.94 50.62
C SER D 132 8.86 11.89 51.04
N GLY D 133 9.49 13.02 51.37
CA GLY D 133 10.85 13.03 51.87
C GLY D 133 11.91 13.43 50.87
N THR D 134 11.55 13.61 49.60
CA THR D 134 12.50 13.98 48.56
C THR D 134 12.04 15.26 47.88
N ALA D 135 13.00 16.01 47.34
CA ALA D 135 12.70 17.27 46.67
C ALA D 135 13.37 17.29 45.30
N SER D 136 12.58 17.56 44.26
CA SER D 136 13.06 17.69 42.89
C SER D 136 12.85 19.13 42.44
N VAL D 137 13.93 19.81 42.06
CA VAL D 137 13.80 21.10 41.36
C VAL D 137 14.01 20.86 39.87
N VAL D 138 13.20 21.50 39.03
CA VAL D 138 13.20 21.25 37.59
C VAL D 138 13.47 22.55 36.84
N CYS D 139 14.43 22.50 35.92
CA CYS D 139 14.72 23.59 35.00
C CYS D 139 14.37 23.12 33.59
N LEU D 140 13.62 23.95 32.85
CA LEU D 140 13.23 23.66 31.47
C LEU D 140 13.85 24.66 30.50
N LEU D 141 14.53 24.15 29.47
CA LEU D 141 15.00 24.96 28.36
C LEU D 141 14.16 24.61 27.13
N ASN D 142 13.40 25.56 26.63
CA ASN D 142 12.41 25.27 25.60
C ASN D 142 12.86 25.77 24.22
N ASN D 143 12.87 24.85 23.25
CA ASN D 143 12.91 25.11 21.80
C ASN D 143 14.14 25.93 21.40
N PHE D 144 15.29 25.26 21.41
CA PHE D 144 16.55 25.95 21.17
C PHE D 144 17.39 25.18 20.16
N TYR D 145 18.33 25.90 19.56
CA TYR D 145 19.26 25.31 18.64
C TYR D 145 20.52 26.15 18.69
N PRO D 146 21.72 25.55 18.67
CA PRO D 146 22.01 24.11 18.62
C PRO D 146 21.86 23.43 19.99
N ARG D 147 22.21 22.13 20.00
CA ARG D 147 21.92 21.26 21.13
CA ARG D 147 21.91 21.28 21.14
C ARG D 147 22.73 21.65 22.36
N GLU D 148 23.97 22.08 22.18
CA GLU D 148 24.86 22.35 23.30
C GLU D 148 24.32 23.45 24.20
N ALA D 149 24.28 23.16 25.50
CA ALA D 149 23.71 24.09 26.48
C ALA D 149 24.29 23.77 27.84
N LYS D 150 24.73 24.80 28.57
CA LYS D 150 25.18 24.63 29.96
C LYS D 150 24.08 25.04 30.92
N VAL D 151 23.67 24.10 31.79
CA VAL D 151 22.72 24.38 32.88
C VAL D 151 23.48 24.28 34.20
N GLN D 152 23.50 25.38 34.94
CA GLN D 152 24.21 25.45 36.21
C GLN D 152 23.20 25.72 37.32
N TRP D 153 23.04 24.74 38.22
CA TRP D 153 22.23 24.90 39.42
C TRP D 153 23.01 25.62 40.51
N LYS D 154 22.34 26.53 41.22
CA LYS D 154 22.92 27.26 42.35
C LYS D 154 21.91 27.28 43.49
N VAL D 155 22.36 26.89 44.68
CA VAL D 155 21.54 26.89 45.89
C VAL D 155 22.21 27.82 46.89
N ASP D 156 21.52 28.91 47.24
CA ASP D 156 22.11 29.98 48.04
C ASP D 156 23.53 30.30 47.55
N ASN D 157 23.64 30.43 46.23
CA ASN D 157 24.86 30.75 45.51
C ASN D 157 25.94 29.68 45.58
N ALA D 158 25.61 28.48 46.05
CA ALA D 158 26.52 27.35 46.00
C ALA D 158 26.29 26.62 44.68
N LEU D 159 27.34 26.46 43.89
CA LEU D 159 27.24 25.75 42.62
C LEU D 159 27.10 24.25 42.85
N GLN D 160 25.99 23.68 42.39
CA GLN D 160 25.72 22.26 42.55
C GLN D 160 26.37 21.46 41.43
N SER D 161 26.98 20.35 41.79
CA SER D 161 27.73 19.56 40.82
C SER D 161 27.59 18.09 41.17
N GLY D 162 27.02 17.33 40.25
CA GLY D 162 26.91 15.89 40.42
C GLY D 162 25.59 15.42 40.95
N ASN D 163 24.66 16.32 41.28
CA ASN D 163 23.38 15.95 41.85
C ASN D 163 22.22 16.34 40.95
N SER D 164 22.44 16.38 39.65
CA SER D 164 21.40 16.73 38.71
C SER D 164 21.45 15.77 37.54
N GLN D 165 20.35 15.71 36.80
CA GLN D 165 20.28 14.86 35.61
C GLN D 165 19.53 15.57 34.49
N GLU D 166 20.02 15.35 33.27
CA GLU D 166 19.54 16.07 32.09
C GLU D 166 18.94 15.09 31.10
N SER D 167 17.84 15.50 30.49
CA SER D 167 17.22 14.79 29.39
C SER D 167 16.91 15.79 28.27
N VAL D 168 17.15 15.41 27.02
CA VAL D 168 16.91 16.30 25.90
C VAL D 168 16.04 15.60 24.88
N THR D 169 15.04 16.32 24.37
CA THR D 169 14.14 15.72 23.40
C THR D 169 14.87 15.48 22.09
N GLU D 170 14.27 14.65 21.25
CA GLU D 170 14.78 14.54 19.89
C GLU D 170 14.53 15.85 19.15
N GLN D 171 15.33 16.07 18.11
CA GLN D 171 15.13 17.25 17.29
C GLN D 171 13.70 17.29 16.77
N ASP D 172 13.08 18.46 16.83
CA ASP D 172 11.68 18.55 16.43
C ASP D 172 11.59 18.51 14.91
N SER D 173 10.66 17.72 14.40
CA SER D 173 10.58 17.44 12.96
C SER D 173 10.01 18.58 12.15
N LYS D 174 9.46 19.62 12.79
CA LYS D 174 9.00 20.79 12.04
C LYS D 174 9.91 22.00 12.23
N ASP D 175 10.30 22.36 13.46
CA ASP D 175 11.15 23.54 13.65
C ASP D 175 12.61 23.20 13.98
N SER D 176 12.96 21.92 14.09
CA SER D 176 14.36 21.48 14.22
C SER D 176 15.02 21.98 15.50
N THR D 177 14.24 22.29 16.53
CA THR D 177 14.80 22.69 17.82
C THR D 177 14.85 21.50 18.75
N TYR D 178 15.57 21.69 19.85
CA TYR D 178 15.62 20.76 20.97
C TYR D 178 14.97 21.41 22.17
N SER D 179 14.57 20.58 23.12
CA SER D 179 14.23 21.04 24.45
C SER D 179 14.97 20.18 25.46
N LEU D 180 15.21 20.74 26.63
CA LEU D 180 16.00 20.07 27.65
C LEU D 180 15.37 20.30 29.01
N SER D 181 15.35 19.25 29.82
CA SER D 181 14.97 19.36 31.21
C SER D 181 16.17 18.95 32.08
N SER D 182 16.38 19.71 33.13
CA SER D 182 17.43 19.44 34.11
C SER D 182 16.75 19.35 35.47
N THR D 183 16.97 18.24 36.17
CA THR D 183 16.34 17.97 37.44
C THR D 183 17.43 17.92 38.51
N LEU D 184 17.32 18.80 39.49
CA LEU D 184 18.15 18.77 40.68
C LEU D 184 17.43 18.00 41.78
N THR D 185 18.06 16.97 42.32
CA THR D 185 17.47 16.15 43.37
C THR D 185 18.16 16.45 44.71
N LEU D 186 17.35 16.70 45.75
CA LEU D 186 17.79 17.02 47.10
C LEU D 186 16.96 16.26 48.12
N SER D 187 17.54 15.98 49.28
CA SER D 187 16.72 15.51 50.38
C SER D 187 15.83 16.66 50.84
N LYS D 188 14.67 16.30 51.39
CA LYS D 188 13.76 17.32 51.90
C LYS D 188 14.43 18.18 52.96
N ALA D 189 15.22 17.58 53.85
CA ALA D 189 15.91 18.36 54.86
C ALA D 189 16.89 19.34 54.22
N ASP D 190 17.71 18.86 53.28
CA ASP D 190 18.56 19.77 52.51
C ASP D 190 17.74 20.91 51.88
N TYR D 191 16.61 20.58 51.25
CA TYR D 191 15.84 21.62 50.57
C TYR D 191 15.31 22.66 51.55
N GLU D 192 14.85 22.23 52.73
CA GLU D 192 14.30 23.16 53.70
C GLU D 192 15.35 24.08 54.33
N LYS D 193 16.64 23.72 54.24
CA LYS D 193 17.70 24.49 54.88
C LYS D 193 18.23 25.63 54.01
N HIS D 194 17.59 25.92 52.87
CA HIS D 194 18.10 26.90 51.93
C HIS D 194 16.93 27.70 51.37
N LYS D 195 17.25 28.89 50.84
CA LYS D 195 16.24 29.83 50.35
C LYS D 195 16.24 29.99 48.83
N VAL D 196 17.36 30.36 48.22
CA VAL D 196 17.38 30.77 46.82
C VAL D 196 17.84 29.63 45.93
N TYR D 197 16.93 29.18 45.06
CA TYR D 197 17.19 28.12 44.10
C TYR D 197 17.24 28.72 42.72
N ALA D 198 18.25 28.38 41.94
CA ALA D 198 18.45 29.09 40.68
C ALA D 198 18.99 28.14 39.63
N CYS D 199 18.58 28.37 38.39
CA CYS D 199 19.20 27.67 37.27
CA CYS D 199 19.11 27.68 37.23
C CYS D 199 19.69 28.71 36.27
N GLU D 200 20.97 28.59 35.94
CA GLU D 200 21.67 29.53 35.08
C GLU D 200 22.00 28.84 33.77
N VAL D 201 21.50 29.41 32.68
CA VAL D 201 21.58 28.79 31.35
C VAL D 201 22.56 29.59 30.51
N THR D 202 23.53 28.89 29.95
CA THR D 202 24.44 29.44 28.97
C THR D 202 24.13 28.74 27.66
N HIS D 203 24.03 29.50 26.58
CA HIS D 203 23.72 28.95 25.27
C HIS D 203 24.08 29.97 24.22
N GLN D 204 24.46 29.47 23.04
CA GLN D 204 25.03 30.32 21.99
C GLN D 204 24.05 31.39 21.53
N GLY D 205 22.75 31.16 21.68
CA GLY D 205 21.73 32.13 21.33
C GLY D 205 21.50 33.23 22.34
N LEU D 206 22.12 33.15 23.51
CA LEU D 206 21.98 34.15 24.54
C LEU D 206 23.23 35.01 24.58
N SER D 207 23.04 36.33 24.60
CA SER D 207 24.17 37.25 24.69
C SER D 207 24.74 37.31 26.10
N SER D 208 23.94 36.95 27.11
CA SER D 208 24.35 36.78 28.49
C SER D 208 23.64 35.55 29.05
N PRO D 209 24.22 34.89 30.03
CA PRO D 209 23.49 33.79 30.68
C PRO D 209 22.18 34.27 31.28
N VAL D 210 21.17 33.41 31.21
CA VAL D 210 19.85 33.69 31.77
C VAL D 210 19.71 32.93 33.07
N THR D 211 19.24 33.60 34.11
CA THR D 211 19.02 32.97 35.40
C THR D 211 17.54 33.07 35.73
N LYS D 212 16.93 31.94 36.03
CA LYS D 212 15.61 31.91 36.61
C LYS D 212 15.75 31.37 38.02
N SER D 213 14.88 31.80 38.90
CA SER D 213 15.10 31.47 40.30
C SER D 213 13.79 31.58 41.05
N PHE D 214 13.79 31.01 42.26
CA PHE D 214 12.70 31.19 43.20
C PHE D 214 13.28 31.21 44.59
N ASN D 215 12.53 31.77 45.52
CA ASN D 215 12.81 31.65 46.96
C ASN D 215 11.83 30.66 47.57
N ARG D 216 12.38 29.62 48.22
CA ARG D 216 11.54 28.62 48.88
C ARG D 216 10.52 29.29 49.80
N GLY D 217 9.25 28.89 49.62
CA GLY D 217 8.16 29.48 50.38
C GLY D 217 7.67 30.82 49.88
N GLU D 218 8.08 31.23 48.68
CA GLU D 218 7.65 32.49 48.07
C GLU D 218 8.05 33.69 48.92
N MET E 5 -7.34 -33.18 -44.21
CA MET E 5 -8.49 -32.68 -43.44
C MET E 5 -9.17 -31.48 -44.09
N PRO E 6 -10.46 -31.62 -44.40
CA PRO E 6 -11.22 -30.51 -44.95
C PRO E 6 -11.46 -29.42 -43.90
N ASN E 7 -11.88 -28.23 -44.36
CA ASN E 7 -12.06 -27.10 -43.45
C ASN E 7 -13.51 -26.91 -43.05
N ASP E 8 -14.30 -27.98 -43.06
CA ASP E 8 -15.67 -27.99 -42.56
C ASP E 8 -15.84 -29.17 -41.61
N PRO E 9 -15.91 -28.95 -40.30
CA PRO E 9 -16.09 -30.06 -39.36
C PRO E 9 -17.54 -30.49 -39.17
N ASN E 10 -18.47 -29.98 -39.95
CA ASN E 10 -19.89 -30.31 -39.81
C ASN E 10 -20.25 -31.57 -40.62
N ARG E 11 -21.50 -32.01 -40.43
CA ARG E 11 -22.04 -33.10 -41.24
C ARG E 11 -22.57 -32.55 -42.57
N ASN E 12 -22.23 -33.24 -43.66
CA ASN E 12 -22.55 -32.76 -45.03
C ASN E 12 -24.05 -32.61 -45.27
N ASN F 4 20.65 -24.24 0.23
CA ASN F 4 20.66 -22.80 0.43
C ASN F 4 19.28 -22.18 0.21
N MET F 5 18.55 -21.96 1.30
CA MET F 5 17.20 -21.41 1.27
C MET F 5 17.17 -20.16 0.39
N PRO F 6 16.20 -20.04 -0.53
CA PRO F 6 16.08 -18.78 -1.30
C PRO F 6 15.73 -17.60 -0.40
N ASN F 7 15.92 -16.38 -0.93
CA ASN F 7 15.70 -15.18 -0.12
C ASN F 7 14.25 -14.68 -0.13
N ASP F 8 13.29 -15.56 -0.42
CA ASP F 8 11.87 -15.21 -0.39
C ASP F 8 11.14 -16.23 0.45
N PRO F 9 10.70 -15.90 1.68
CA PRO F 9 9.97 -16.87 2.50
C PRO F 9 8.49 -16.97 2.16
N ASN F 10 7.97 -16.12 1.27
CA ASN F 10 6.57 -16.13 0.88
C ASN F 10 6.26 -17.31 -0.04
N ARG F 11 4.96 -17.56 -0.19
CA ARG F 11 4.51 -18.56 -1.15
C ARG F 11 4.89 -18.12 -2.56
N ASN F 12 5.51 -19.04 -3.31
CA ASN F 12 5.98 -18.74 -4.66
C ASN F 12 4.81 -18.35 -5.55
N VAL F 13 4.65 -17.05 -5.82
CA VAL F 13 3.58 -16.59 -6.69
C VAL F 13 4.19 -15.82 -7.87
#